data_1KQI
#
_entry.id   1KQI
#
_entity_poly.entity_id   1
_entity_poly.type   'polypeptide(L)'
_entity_poly.pdbx_seq_one_letter_code
;KCLAEAADCSPWSGDSCCKPYLCSCIFFYPCSCRPKGW
;
_entity_poly.pdbx_strand_id   A
#
# COMPACT_ATOMS: atom_id res chain seq x y z
N LYS A 1 7.18 -5.77 -11.00
CA LYS A 1 7.32 -5.79 -9.53
C LYS A 1 6.33 -4.82 -8.90
N CYS A 2 5.77 -5.19 -7.76
CA CYS A 2 4.79 -4.38 -7.07
C CYS A 2 4.67 -4.81 -5.62
N LEU A 3 4.16 -3.91 -4.79
CA LEU A 3 3.98 -4.18 -3.37
C LEU A 3 2.74 -5.02 -3.13
N ALA A 4 2.91 -6.13 -2.44
CA ALA A 4 1.80 -7.04 -2.16
C ALA A 4 0.92 -6.54 -1.01
N GLU A 5 0.06 -7.42 -0.52
CA GLU A 5 -0.84 -7.08 0.56
C GLU A 5 -0.09 -6.84 1.87
N ALA A 6 -0.41 -5.71 2.48
CA ALA A 6 0.20 -5.27 3.72
C ALA A 6 1.66 -4.93 3.52
N ALA A 7 1.98 -4.32 2.39
CA ALA A 7 3.35 -3.94 2.10
C ALA A 7 3.55 -2.44 2.26
N ASP A 8 4.62 -2.05 2.94
CA ASP A 8 4.91 -0.63 3.17
C ASP A 8 5.13 0.10 1.84
N CYS A 9 4.55 1.29 1.74
CA CYS A 9 4.66 2.08 0.51
C CYS A 9 5.87 3.01 0.57
N SER A 10 6.36 3.37 -0.60
CA SER A 10 7.50 4.25 -0.72
C SER A 10 7.08 5.71 -0.50
N PRO A 11 7.82 6.44 0.34
CA PRO A 11 7.53 7.85 0.66
C PRO A 11 7.63 8.77 -0.55
N TRP A 12 8.64 8.58 -1.39
CA TRP A 12 8.83 9.44 -2.55
C TRP A 12 9.01 8.62 -3.83
N SER A 13 9.82 7.56 -3.74
CA SER A 13 10.07 6.72 -4.90
C SER A 13 10.33 5.29 -4.46
N GLY A 14 9.81 4.35 -5.24
CA GLY A 14 9.98 2.94 -4.92
C GLY A 14 9.10 2.08 -5.79
N ASP A 15 8.51 1.06 -5.18
CA ASP A 15 7.63 0.15 -5.90
C ASP A 15 6.16 0.55 -5.73
N SER A 16 5.37 0.25 -6.73
CA SER A 16 3.95 0.56 -6.70
C SER A 16 3.16 -0.64 -6.19
N CYS A 17 2.05 -0.39 -5.54
CA CYS A 17 1.20 -1.45 -5.00
C CYS A 17 0.63 -2.34 -6.11
N CYS A 18 0.56 -3.63 -5.84
CA CYS A 18 -0.01 -4.59 -6.79
C CYS A 18 -1.50 -4.33 -6.90
N LYS A 19 -2.04 -4.45 -8.09
CA LYS A 19 -3.45 -4.21 -8.29
C LYS A 19 -4.27 -5.43 -7.84
N PRO A 20 -5.45 -5.18 -7.27
CA PRO A 20 -5.99 -3.84 -7.09
C PRO A 20 -5.82 -3.30 -5.67
N TYR A 21 -4.73 -3.69 -4.99
CA TYR A 21 -4.48 -3.23 -3.62
C TYR A 21 -4.23 -1.73 -3.61
N LEU A 22 -4.63 -1.09 -2.52
CA LEU A 22 -4.47 0.35 -2.37
C LEU A 22 -3.65 0.68 -1.13
N CYS A 23 -2.75 1.65 -1.27
CA CYS A 23 -1.90 2.06 -0.15
C CYS A 23 -2.75 2.76 0.90
N SER A 24 -2.89 2.14 2.05
CA SER A 24 -3.66 2.68 3.14
C SER A 24 -2.79 3.56 4.02
N CYS A 25 -3.17 4.82 4.15
CA CYS A 25 -2.43 5.76 4.98
C CYS A 25 -3.35 6.29 6.08
N ILE A 26 -3.98 5.37 6.80
CA ILE A 26 -4.89 5.74 7.87
C ILE A 26 -4.14 6.07 9.16
N PHE A 27 -4.89 6.23 10.24
CA PHE A 27 -4.32 6.59 11.53
C PHE A 27 -3.56 5.45 12.19
N PHE A 28 -4.25 4.35 12.45
CA PHE A 28 -3.64 3.20 13.12
C PHE A 28 -2.65 2.46 12.22
N TYR A 29 -2.91 2.47 10.93
CA TYR A 29 -2.04 1.79 9.98
C TYR A 29 -1.32 2.79 9.09
N PRO A 30 0.02 2.74 9.07
CA PRO A 30 0.84 3.63 8.24
C PRO A 30 0.73 3.27 6.77
N CYS A 31 1.19 4.18 5.90
CA CYS A 31 1.13 3.98 4.45
C CYS A 31 1.66 2.61 4.04
N SER A 32 0.73 1.73 3.72
CA SER A 32 1.06 0.38 3.29
C SER A 32 -0.06 -0.15 2.40
N CYS A 33 0.31 -0.83 1.32
CA CYS A 33 -0.67 -1.36 0.40
C CYS A 33 -1.49 -2.43 1.07
N ARG A 34 -2.79 -2.19 1.14
CA ARG A 34 -3.75 -3.09 1.75
C ARG A 34 -4.74 -3.54 0.68
N PRO A 35 -5.44 -4.67 0.89
CA PRO A 35 -6.41 -5.18 -0.08
C PRO A 35 -7.44 -4.14 -0.48
N LYS A 36 -8.09 -4.35 -1.61
CA LYS A 36 -9.09 -3.41 -2.09
C LYS A 36 -10.37 -3.63 -1.31
N GLY A 37 -10.70 -2.66 -0.46
CA GLY A 37 -11.86 -2.78 0.39
C GLY A 37 -11.52 -3.51 1.67
N TRP A 38 -10.41 -3.10 2.28
CA TRP A 38 -9.92 -3.71 3.50
C TRP A 38 -10.83 -3.33 4.68
N LYS A 1 7.88 -6.00 -9.91
CA LYS A 1 7.90 -5.83 -8.44
C LYS A 1 6.77 -4.90 -8.01
N CYS A 2 6.10 -5.24 -6.92
CA CYS A 2 5.01 -4.44 -6.41
C CYS A 2 4.75 -4.80 -4.95
N LEU A 3 4.12 -3.87 -4.25
CA LEU A 3 3.81 -4.06 -2.85
C LEU A 3 2.57 -4.91 -2.68
N ALA A 4 2.70 -6.04 -1.97
CA ALA A 4 1.57 -6.94 -1.76
C ALA A 4 0.63 -6.44 -0.67
N GLU A 5 -0.19 -7.35 -0.16
CA GLU A 5 -1.16 -7.03 0.87
C GLU A 5 -0.47 -6.60 2.16
N ALA A 6 -0.87 -5.44 2.65
CA ALA A 6 -0.34 -4.84 3.87
C ALA A 6 1.14 -4.53 3.74
N ALA A 7 1.52 -3.93 2.62
CA ALA A 7 2.91 -3.56 2.39
C ALA A 7 3.07 -2.05 2.31
N ASP A 8 3.88 -1.50 3.21
CA ASP A 8 4.12 -0.05 3.27
C ASP A 8 4.49 0.54 1.91
N CYS A 9 3.79 1.61 1.55
CA CYS A 9 4.02 2.29 0.28
C CYS A 9 4.70 3.63 0.49
N SER A 10 5.52 4.02 -0.47
CA SER A 10 6.24 5.28 -0.40
C SER A 10 5.30 6.43 -0.79
N PRO A 11 5.28 7.48 0.04
CA PRO A 11 4.41 8.66 -0.19
C PRO A 11 4.79 9.47 -1.43
N TRP A 12 6.05 9.84 -1.53
CA TRP A 12 6.52 10.64 -2.67
C TRP A 12 6.76 9.77 -3.89
N SER A 13 7.59 8.76 -3.75
CA SER A 13 7.92 7.86 -4.85
C SER A 13 8.53 6.56 -4.33
N GLY A 14 8.16 5.45 -4.93
CA GLY A 14 8.67 4.16 -4.53
C GLY A 14 8.01 3.03 -5.29
N ASP A 15 7.97 1.86 -4.69
CA ASP A 15 7.36 0.70 -5.33
C ASP A 15 5.85 0.85 -5.39
N SER A 16 5.26 0.38 -6.47
CA SER A 16 3.83 0.47 -6.65
C SER A 16 3.14 -0.74 -6.06
N CYS A 17 1.93 -0.55 -5.55
CA CYS A 17 1.17 -1.64 -4.95
C CYS A 17 0.72 -2.63 -6.03
N CYS A 18 0.69 -3.91 -5.69
CA CYS A 18 0.24 -4.93 -6.61
C CYS A 18 -1.23 -4.71 -6.87
N LYS A 19 -1.67 -4.99 -8.06
CA LYS A 19 -3.07 -4.81 -8.40
C LYS A 19 -3.89 -5.97 -7.87
N PRO A 20 -5.09 -5.68 -7.34
CA PRO A 20 -5.66 -4.35 -7.27
C PRO A 20 -5.57 -3.69 -5.88
N TYR A 21 -4.49 -3.94 -5.15
CA TYR A 21 -4.33 -3.36 -3.82
C TYR A 21 -4.18 -1.84 -3.90
N LEU A 22 -4.67 -1.16 -2.89
CA LEU A 22 -4.63 0.28 -2.83
C LEU A 22 -3.79 0.76 -1.65
N CYS A 23 -2.94 1.74 -1.88
CA CYS A 23 -2.11 2.30 -0.82
C CYS A 23 -2.99 3.09 0.14
N SER A 24 -2.92 2.74 1.42
CA SER A 24 -3.75 3.41 2.41
C SER A 24 -2.92 3.81 3.62
N CYS A 25 -3.13 5.04 4.07
CA CYS A 25 -2.41 5.55 5.23
C CYS A 25 -3.39 5.77 6.37
N ILE A 26 -3.63 4.70 7.13
CA ILE A 26 -4.57 4.75 8.24
C ILE A 26 -3.94 5.37 9.48
N PHE A 27 -4.66 5.30 10.60
CA PHE A 27 -4.21 5.90 11.85
C PHE A 27 -3.04 5.15 12.51
N PHE A 28 -3.32 3.95 13.02
CA PHE A 28 -2.29 3.16 13.71
C PHE A 28 -1.22 2.66 12.75
N TYR A 29 -1.63 2.22 11.58
CA TYR A 29 -0.70 1.71 10.59
C TYR A 29 -0.38 2.81 9.57
N PRO A 30 0.90 2.98 9.23
CA PRO A 30 1.33 3.99 8.25
C PRO A 30 0.86 3.68 6.84
N CYS A 31 1.36 4.47 5.89
CA CYS A 31 0.99 4.30 4.49
C CYS A 31 1.40 2.91 4.00
N SER A 32 0.42 2.04 3.83
CA SER A 32 0.67 0.69 3.38
C SER A 32 -0.46 0.19 2.47
N CYS A 33 -0.07 -0.49 1.40
CA CYS A 33 -1.03 -1.03 0.44
C CYS A 33 -1.88 -2.10 1.09
N ARG A 34 -3.18 -1.97 0.93
CA ARG A 34 -4.14 -2.90 1.48
C ARG A 34 -5.07 -3.36 0.37
N PRO A 35 -5.78 -4.48 0.56
CA PRO A 35 -6.70 -5.01 -0.45
C PRO A 35 -7.70 -3.96 -0.93
N LYS A 36 -8.21 -4.13 -2.15
CA LYS A 36 -9.16 -3.19 -2.72
C LYS A 36 -10.53 -3.46 -2.12
N GLY A 37 -10.64 -3.10 -0.85
CA GLY A 37 -11.85 -3.33 -0.10
C GLY A 37 -11.50 -3.91 1.25
N TRP A 38 -10.47 -3.33 1.87
CA TRP A 38 -9.97 -3.78 3.16
C TRP A 38 -10.99 -3.49 4.26
N LYS A 1 8.65 -2.06 -9.14
CA LYS A 1 7.90 -3.31 -8.84
C LYS A 1 6.67 -3.00 -8.01
N CYS A 2 5.59 -3.74 -8.18
CA CYS A 2 4.41 -3.44 -7.41
C CYS A 2 4.56 -3.93 -5.98
N LEU A 3 3.96 -3.17 -5.09
CA LEU A 3 4.00 -3.44 -3.67
C LEU A 3 3.02 -4.55 -3.30
N ALA A 4 3.44 -5.46 -2.44
CA ALA A 4 2.60 -6.59 -2.07
C ALA A 4 1.52 -6.22 -1.05
N GLU A 5 0.74 -7.22 -0.66
CA GLU A 5 -0.32 -7.05 0.30
C GLU A 5 0.22 -6.76 1.69
N ALA A 6 -0.39 -5.77 2.33
CA ALA A 6 0.02 -5.33 3.67
C ALA A 6 1.48 -4.95 3.68
N ALA A 7 1.92 -4.28 2.62
CA ALA A 7 3.31 -3.88 2.50
C ALA A 7 3.44 -2.37 2.58
N ASP A 8 4.42 -1.90 3.34
CA ASP A 8 4.67 -0.47 3.49
C ASP A 8 4.91 0.17 2.12
N CYS A 9 4.39 1.37 1.93
CA CYS A 9 4.53 2.07 0.66
C CYS A 9 5.90 2.70 0.53
N SER A 10 6.27 3.07 -0.69
CA SER A 10 7.56 3.66 -0.94
C SER A 10 7.59 5.13 -0.55
N PRO A 11 8.41 5.50 0.45
CA PRO A 11 8.52 6.88 0.93
C PRO A 11 9.40 7.73 0.03
N TRP A 12 10.64 7.30 -0.17
CA TRP A 12 11.58 8.03 -1.01
C TRP A 12 11.40 7.65 -2.48
N SER A 13 11.18 6.37 -2.72
CA SER A 13 11.00 5.87 -4.07
C SER A 13 9.52 5.94 -4.45
N GLY A 14 9.14 5.23 -5.51
CA GLY A 14 7.75 5.24 -5.92
C GLY A 14 7.41 4.05 -6.78
N ASP A 15 6.33 3.39 -6.41
CA ASP A 15 5.83 2.22 -7.12
C ASP A 15 4.37 2.01 -6.76
N SER A 16 3.64 1.41 -7.68
CA SER A 16 2.24 1.13 -7.47
C SER A 16 2.06 -0.21 -6.78
N CYS A 17 1.05 -0.34 -5.95
CA CYS A 17 0.79 -1.58 -5.23
C CYS A 17 0.20 -2.60 -6.20
N CYS A 18 0.54 -3.87 -6.01
CA CYS A 18 0.02 -4.94 -6.84
C CYS A 18 -1.49 -4.98 -6.72
N LYS A 19 -2.15 -5.30 -7.82
CA LYS A 19 -3.60 -5.37 -7.81
C LYS A 19 -4.05 -6.68 -7.18
N PRO A 20 -5.18 -6.65 -6.44
CA PRO A 20 -5.98 -5.47 -6.23
C PRO A 20 -5.72 -4.77 -4.89
N TYR A 21 -4.47 -4.46 -4.59
CA TYR A 21 -4.14 -3.78 -3.33
C TYR A 21 -3.81 -2.32 -3.60
N LEU A 22 -4.16 -1.47 -2.66
CA LEU A 22 -3.93 -0.04 -2.78
C LEU A 22 -3.21 0.50 -1.55
N CYS A 23 -2.32 1.47 -1.77
CA CYS A 23 -1.57 2.07 -0.67
C CYS A 23 -2.52 2.85 0.23
N SER A 24 -2.55 2.50 1.49
CA SER A 24 -3.42 3.16 2.44
C SER A 24 -2.62 3.65 3.63
N CYS A 25 -2.95 4.84 4.11
CA CYS A 25 -2.26 5.41 5.24
C CYS A 25 -3.28 6.01 6.19
N ILE A 26 -3.64 5.23 7.20
CA ILE A 26 -4.63 5.65 8.18
C ILE A 26 -3.96 5.92 9.53
N PHE A 27 -4.78 6.07 10.56
CA PHE A 27 -4.30 6.37 11.90
C PHE A 27 -3.58 5.19 12.55
N PHE A 28 -4.29 4.07 12.70
CA PHE A 28 -3.73 2.89 13.35
C PHE A 28 -2.72 2.17 12.44
N TYR A 29 -2.97 2.19 11.15
CA TYR A 29 -2.07 1.54 10.20
C TYR A 29 -1.31 2.57 9.38
N PRO A 30 0.03 2.45 9.34
CA PRO A 30 0.89 3.35 8.58
C PRO A 30 0.70 3.19 7.07
N CYS A 31 1.41 4.01 6.30
CA CYS A 31 1.34 3.96 4.84
C CYS A 31 1.74 2.59 4.34
N SER A 32 0.76 1.78 3.98
CA SER A 32 1.01 0.44 3.50
C SER A 32 -0.13 -0.02 2.57
N CYS A 33 0.24 -0.72 1.52
CA CYS A 33 -0.74 -1.22 0.57
C CYS A 33 -1.52 -2.34 1.21
N ARG A 34 -2.84 -2.20 1.16
CA ARG A 34 -3.78 -3.17 1.71
C ARG A 34 -4.84 -3.42 0.64
N PRO A 35 -5.64 -4.49 0.76
CA PRO A 35 -6.68 -4.78 -0.22
C PRO A 35 -7.51 -3.54 -0.58
N LYS A 36 -7.84 -3.37 -1.84
CA LYS A 36 -8.59 -2.20 -2.26
C LYS A 36 -10.05 -2.38 -1.88
N GLY A 37 -10.43 -1.68 -0.81
CA GLY A 37 -11.78 -1.78 -0.29
C GLY A 37 -11.84 -2.72 0.89
N TRP A 38 -10.87 -2.55 1.79
CA TRP A 38 -10.78 -3.37 2.98
C TRP A 38 -11.78 -2.90 4.03
N LYS A 1 7.20 -3.58 -11.37
CA LYS A 1 7.37 -3.65 -9.90
C LYS A 1 6.09 -3.22 -9.20
N CYS A 2 5.74 -3.91 -8.13
CA CYS A 2 4.56 -3.56 -7.37
C CYS A 2 4.62 -4.16 -5.98
N LEU A 3 4.02 -3.45 -5.05
CA LEU A 3 4.00 -3.85 -3.65
C LEU A 3 2.86 -4.83 -3.37
N ALA A 4 3.15 -5.88 -2.62
CA ALA A 4 2.15 -6.89 -2.30
C ALA A 4 1.20 -6.42 -1.19
N GLU A 5 0.37 -7.32 -0.71
CA GLU A 5 -0.59 -7.00 0.34
C GLU A 5 0.11 -6.87 1.69
N ALA A 6 -0.30 -5.85 2.42
CA ALA A 6 0.24 -5.52 3.73
C ALA A 6 1.72 -5.16 3.62
N ALA A 7 2.06 -4.45 2.55
CA ALA A 7 3.44 -4.05 2.34
C ALA A 7 3.57 -2.54 2.52
N ASP A 8 4.66 -2.11 3.15
CA ASP A 8 4.88 -0.68 3.38
C ASP A 8 4.98 0.07 2.06
N CYS A 9 4.58 1.33 2.07
CA CYS A 9 4.61 2.14 0.86
C CYS A 9 4.73 3.62 1.19
N SER A 10 4.58 4.45 0.18
CA SER A 10 4.69 5.89 0.33
C SER A 10 3.87 6.58 -0.76
N PRO A 11 3.24 7.70 -0.43
CA PRO A 11 2.40 8.47 -1.36
C PRO A 11 3.11 8.85 -2.67
N TRP A 12 4.40 9.17 -2.58
CA TRP A 12 5.15 9.56 -3.77
C TRP A 12 6.44 8.75 -3.91
N SER A 13 7.25 8.77 -2.85
CA SER A 13 8.53 8.07 -2.86
C SER A 13 8.35 6.57 -2.58
N GLY A 14 7.62 5.88 -3.45
CA GLY A 14 7.40 4.47 -3.25
C GLY A 14 6.80 3.79 -4.47
N ASP A 15 7.12 2.51 -4.63
CA ASP A 15 6.62 1.71 -5.75
C ASP A 15 5.10 1.60 -5.69
N SER A 16 4.47 1.34 -6.82
CA SER A 16 3.03 1.21 -6.87
C SER A 16 2.62 -0.16 -6.35
N CYS A 17 1.51 -0.22 -5.65
CA CYS A 17 1.02 -1.48 -5.09
C CYS A 17 0.38 -2.36 -6.16
N CYS A 18 0.61 -3.66 -6.06
CA CYS A 18 0.02 -4.62 -6.98
C CYS A 18 -1.49 -4.54 -6.87
N LYS A 19 -2.18 -4.76 -7.96
CA LYS A 19 -3.61 -4.70 -7.94
C LYS A 19 -4.18 -6.03 -7.45
N PRO A 20 -5.35 -6.00 -6.81
CA PRO A 20 -6.10 -4.78 -6.59
C PRO A 20 -5.85 -4.13 -5.23
N TYR A 21 -4.61 -4.12 -4.75
CA TYR A 21 -4.31 -3.51 -3.46
C TYR A 21 -4.10 -2.00 -3.61
N LEU A 22 -4.17 -1.29 -2.50
CA LEU A 22 -4.02 0.16 -2.49
C LEU A 22 -3.16 0.60 -1.31
N CYS A 23 -2.30 1.60 -1.54
CA CYS A 23 -1.42 2.13 -0.51
C CYS A 23 -2.21 2.96 0.50
N SER A 24 -2.78 2.27 1.45
CA SER A 24 -3.60 2.91 2.47
C SER A 24 -2.70 3.49 3.57
N CYS A 25 -3.02 4.69 4.00
CA CYS A 25 -2.22 5.35 5.04
C CYS A 25 -3.15 6.01 6.05
N ILE A 26 -3.84 5.18 6.82
CA ILE A 26 -4.77 5.66 7.83
C ILE A 26 -4.04 5.98 9.14
N PHE A 27 -4.81 6.28 10.17
CA PHE A 27 -4.26 6.64 11.47
C PHE A 27 -3.70 5.43 12.22
N PHE A 28 -4.52 4.39 12.34
CA PHE A 28 -4.13 3.18 13.07
C PHE A 28 -3.11 2.35 12.28
N TYR A 29 -3.09 2.52 10.97
CA TYR A 29 -2.15 1.79 10.13
C TYR A 29 -1.43 2.73 9.18
N PRO A 30 -0.09 2.79 9.28
CA PRO A 30 0.73 3.66 8.43
C PRO A 30 0.65 3.29 6.96
N CYS A 31 1.29 4.10 6.12
CA CYS A 31 1.29 3.89 4.68
C CYS A 31 1.72 2.47 4.33
N SER A 32 0.74 1.68 3.91
CA SER A 32 0.98 0.29 3.53
C SER A 32 -0.10 -0.17 2.55
N CYS A 33 0.30 -0.89 1.53
CA CYS A 33 -0.62 -1.39 0.54
C CYS A 33 -1.39 -2.55 1.13
N ARG A 34 -2.71 -2.47 1.03
CA ARG A 34 -3.59 -3.49 1.55
C ARG A 34 -4.75 -3.64 0.57
N PRO A 35 -5.52 -4.74 0.66
CA PRO A 35 -6.65 -4.97 -0.24
C PRO A 35 -7.53 -3.73 -0.39
N LYS A 36 -8.02 -3.49 -1.60
CA LYS A 36 -8.85 -2.32 -1.84
C LYS A 36 -10.26 -2.57 -1.30
N GLY A 37 -10.55 -1.92 -0.19
CA GLY A 37 -11.85 -2.08 0.45
C GLY A 37 -11.78 -3.12 1.54
N TRP A 38 -10.73 -3.01 2.35
CA TRP A 38 -10.49 -3.94 3.45
C TRP A 38 -11.44 -3.64 4.62
N LYS A 1 7.61 -5.72 -10.45
CA LYS A 1 7.81 -5.45 -9.00
C LYS A 1 6.64 -4.64 -8.46
N CYS A 2 6.08 -5.08 -7.35
CA CYS A 2 4.95 -4.38 -6.74
C CYS A 2 4.82 -4.79 -5.28
N LEU A 3 4.19 -3.93 -4.50
CA LEU A 3 4.00 -4.15 -3.08
C LEU A 3 2.83 -5.10 -2.83
N ALA A 4 3.07 -6.12 -2.02
CA ALA A 4 2.04 -7.10 -1.70
C ALA A 4 1.07 -6.58 -0.64
N GLU A 5 0.40 -7.51 0.03
CA GLU A 5 -0.58 -7.19 1.04
C GLU A 5 0.09 -6.62 2.29
N ALA A 6 -0.47 -5.52 2.77
CA ALA A 6 0.02 -4.84 3.97
C ALA A 6 1.47 -4.40 3.81
N ALA A 7 1.78 -3.82 2.66
CA ALA A 7 3.15 -3.38 2.41
C ALA A 7 3.24 -1.86 2.31
N ASP A 8 4.12 -1.26 3.12
CA ASP A 8 4.31 0.19 3.11
C ASP A 8 4.72 0.67 1.73
N CYS A 9 4.20 1.81 1.31
CA CYS A 9 4.52 2.34 -0.01
C CYS A 9 5.30 3.65 0.06
N SER A 10 5.50 4.24 -1.11
CA SER A 10 6.23 5.50 -1.23
C SER A 10 5.75 6.23 -2.48
N PRO A 11 5.68 7.57 -2.40
CA PRO A 11 5.21 8.42 -3.50
C PRO A 11 6.02 8.24 -4.79
N TRP A 12 7.34 8.09 -4.68
CA TRP A 12 8.19 7.93 -5.85
C TRP A 12 9.23 6.84 -5.63
N SER A 13 9.99 6.98 -4.54
CA SER A 13 11.04 6.03 -4.22
C SER A 13 10.48 4.72 -3.63
N GLY A 14 9.59 4.07 -4.37
CA GLY A 14 9.02 2.83 -3.90
C GLY A 14 8.15 2.17 -4.94
N ASP A 15 8.11 0.84 -4.91
CA ASP A 15 7.31 0.05 -5.85
C ASP A 15 5.83 0.37 -5.68
N SER A 16 5.09 0.22 -6.77
CA SER A 16 3.66 0.45 -6.74
C SER A 16 2.96 -0.77 -6.15
N CYS A 17 1.82 -0.57 -5.52
CA CYS A 17 1.08 -1.66 -4.93
C CYS A 17 0.60 -2.64 -6.00
N CYS A 18 0.66 -3.93 -5.69
CA CYS A 18 0.18 -4.94 -6.62
C CYS A 18 -1.31 -4.76 -6.81
N LYS A 19 -1.80 -5.04 -7.99
CA LYS A 19 -3.21 -4.87 -8.26
C LYS A 19 -4.02 -6.03 -7.69
N PRO A 20 -5.22 -5.74 -7.17
CA PRO A 20 -5.79 -4.40 -7.12
C PRO A 20 -5.67 -3.73 -5.74
N TYR A 21 -4.58 -3.98 -5.03
CA TYR A 21 -4.38 -3.39 -3.70
C TYR A 21 -4.13 -1.90 -3.81
N LEU A 22 -4.44 -1.20 -2.74
CA LEU A 22 -4.28 0.25 -2.69
C LEU A 22 -3.56 0.67 -1.42
N CYS A 23 -2.60 1.58 -1.56
CA CYS A 23 -1.87 2.07 -0.40
C CYS A 23 -2.77 3.00 0.40
N SER A 24 -2.92 2.70 1.68
CA SER A 24 -3.77 3.51 2.54
C SER A 24 -3.00 3.96 3.77
N CYS A 25 -3.12 5.24 4.09
CA CYS A 25 -2.43 5.82 5.24
C CYS A 25 -3.39 5.94 6.41
N ILE A 26 -3.71 4.81 7.03
CA ILE A 26 -4.61 4.81 8.18
C ILE A 26 -3.88 5.21 9.45
N PHE A 27 -4.59 5.15 10.58
CA PHE A 27 -4.02 5.54 11.87
C PHE A 27 -3.20 4.41 12.48
N PHE A 28 -3.78 3.22 12.51
CA PHE A 28 -3.13 2.05 13.10
C PHE A 28 -1.89 1.65 12.30
N TYR A 29 -1.88 1.98 11.03
CA TYR A 29 -0.75 1.64 10.16
C TYR A 29 -0.51 2.76 9.16
N PRO A 30 0.76 3.13 8.93
CA PRO A 30 1.11 4.20 7.98
C PRO A 30 0.74 3.82 6.55
N CYS A 31 1.11 4.68 5.60
CA CYS A 31 0.82 4.44 4.19
C CYS A 31 1.32 3.06 3.76
N SER A 32 0.39 2.14 3.58
CA SER A 32 0.73 0.79 3.19
C SER A 32 -0.38 0.17 2.34
N CYS A 33 0.01 -0.59 1.34
CA CYS A 33 -0.93 -1.25 0.44
C CYS A 33 -1.75 -2.27 1.21
N ARG A 34 -3.06 -2.12 1.09
CA ARG A 34 -4.03 -2.99 1.72
C ARG A 34 -5.00 -3.44 0.64
N PRO A 35 -5.80 -4.48 0.89
CA PRO A 35 -6.76 -4.97 -0.10
C PRO A 35 -7.71 -3.87 -0.56
N LYS A 36 -8.24 -4.00 -1.76
CA LYS A 36 -9.15 -2.99 -2.28
C LYS A 36 -10.51 -3.18 -1.65
N GLY A 37 -10.93 -2.20 -0.86
CA GLY A 37 -12.19 -2.29 -0.16
C GLY A 37 -12.03 -3.13 1.08
N TRP A 38 -10.97 -2.83 1.83
CA TRP A 38 -10.65 -3.54 3.06
C TRP A 38 -11.64 -3.17 4.16
N LYS A 1 9.46 -4.26 -8.42
CA LYS A 1 8.32 -5.18 -8.15
C LYS A 1 7.12 -4.37 -7.66
N CYS A 2 6.18 -5.04 -7.06
CA CYS A 2 5.00 -4.37 -6.54
C CYS A 2 4.79 -4.70 -5.08
N LEU A 3 4.11 -3.81 -4.39
CA LEU A 3 3.83 -3.98 -2.97
C LEU A 3 2.56 -4.80 -2.76
N ALA A 4 2.68 -5.89 -2.02
CA ALA A 4 1.52 -6.75 -1.76
C ALA A 4 0.62 -6.16 -0.68
N GLU A 5 -0.27 -6.98 -0.15
CA GLU A 5 -1.18 -6.52 0.87
C GLU A 5 -0.46 -6.36 2.20
N ALA A 6 -0.71 -5.21 2.81
CA ALA A 6 -0.09 -4.81 4.08
C ALA A 6 1.38 -4.51 3.88
N ALA A 7 1.70 -3.94 2.72
CA ALA A 7 3.09 -3.60 2.42
C ALA A 7 3.32 -2.10 2.52
N ASP A 8 4.37 -1.71 3.23
CA ASP A 8 4.70 -0.29 3.41
C ASP A 8 5.01 0.36 2.06
N CYS A 9 4.40 1.51 1.81
CA CYS A 9 4.60 2.22 0.55
C CYS A 9 5.80 3.16 0.64
N SER A 10 6.38 3.46 -0.50
CA SER A 10 7.51 4.36 -0.55
C SER A 10 7.03 5.81 -0.48
N PRO A 11 7.60 6.60 0.45
CA PRO A 11 7.21 7.99 0.66
C PRO A 11 7.38 8.88 -0.57
N TRP A 12 8.59 8.95 -1.11
CA TRP A 12 8.85 9.78 -2.28
C TRP A 12 8.62 9.02 -3.58
N SER A 13 9.32 7.89 -3.73
CA SER A 13 9.21 7.08 -4.92
C SER A 13 9.68 5.66 -4.63
N GLY A 14 9.06 4.68 -5.27
CA GLY A 14 9.43 3.30 -5.07
C GLY A 14 8.56 2.36 -5.87
N ASP A 15 8.31 1.18 -5.32
CA ASP A 15 7.49 0.18 -5.98
C ASP A 15 6.01 0.49 -5.81
N SER A 16 5.24 0.26 -6.86
CA SER A 16 3.81 0.50 -6.84
C SER A 16 3.10 -0.70 -6.23
N CYS A 17 1.92 -0.48 -5.65
CA CYS A 17 1.16 -1.57 -5.04
C CYS A 17 0.69 -2.57 -6.10
N CYS A 18 0.70 -3.85 -5.75
CA CYS A 18 0.23 -4.90 -6.65
C CYS A 18 -1.26 -4.73 -6.83
N LYS A 19 -1.74 -5.04 -8.02
CA LYS A 19 -3.15 -4.92 -8.29
C LYS A 19 -3.91 -6.11 -7.72
N PRO A 20 -5.10 -5.87 -7.15
CA PRO A 20 -5.71 -4.56 -7.09
C PRO A 20 -5.63 -3.89 -5.71
N TYR A 21 -4.52 -4.07 -5.01
CA TYR A 21 -4.35 -3.46 -3.69
C TYR A 21 -4.19 -1.95 -3.80
N LEU A 22 -4.47 -1.25 -2.70
CA LEU A 22 -4.38 0.20 -2.70
C LEU A 22 -3.62 0.70 -1.46
N CYS A 23 -2.72 1.65 -1.67
CA CYS A 23 -1.96 2.21 -0.57
C CYS A 23 -2.86 3.10 0.27
N SER A 24 -2.87 2.87 1.58
CA SER A 24 -3.71 3.64 2.48
C SER A 24 -2.92 4.04 3.72
N CYS A 25 -2.96 5.33 4.02
CA CYS A 25 -2.25 5.88 5.18
C CYS A 25 -3.21 6.09 6.34
N ILE A 26 -3.63 5.00 6.96
CA ILE A 26 -4.55 5.09 8.09
C ILE A 26 -3.80 5.40 9.39
N PHE A 27 -4.51 5.32 10.51
CA PHE A 27 -3.92 5.62 11.81
C PHE A 27 -3.23 4.40 12.41
N PHE A 28 -3.93 3.27 12.40
CA PHE A 28 -3.40 2.02 12.96
C PHE A 28 -2.20 1.52 12.16
N TYR A 29 -2.15 1.91 10.90
CA TYR A 29 -1.06 1.50 10.02
C TYR A 29 -0.68 2.67 9.11
N PRO A 30 0.62 2.89 8.90
CA PRO A 30 1.08 3.99 8.03
C PRO A 30 0.69 3.75 6.58
N CYS A 31 1.30 4.49 5.66
CA CYS A 31 1.02 4.34 4.24
C CYS A 31 1.39 2.94 3.77
N SER A 32 0.40 2.08 3.68
CA SER A 32 0.64 0.71 3.28
C SER A 32 -0.39 0.23 2.27
N CYS A 33 0.05 -0.54 1.30
CA CYS A 33 -0.85 -1.09 0.31
C CYS A 33 -1.65 -2.18 0.97
N ARG A 34 -2.96 -2.00 1.02
CA ARG A 34 -3.85 -2.95 1.64
C ARG A 34 -4.86 -3.38 0.60
N PRO A 35 -5.53 -4.53 0.78
CA PRO A 35 -6.53 -5.02 -0.17
C PRO A 35 -7.56 -3.93 -0.48
N LYS A 36 -8.08 -3.93 -1.69
CA LYS A 36 -9.06 -2.93 -2.06
C LYS A 36 -10.39 -3.28 -1.45
N GLY A 37 -10.86 -2.42 -0.56
CA GLY A 37 -12.09 -2.67 0.14
C GLY A 37 -11.84 -3.52 1.37
N TRP A 38 -10.79 -3.14 2.11
CA TRP A 38 -10.37 -3.84 3.30
C TRP A 38 -11.37 -3.62 4.44
N LYS A 1 7.16 -4.69 -11.43
CA LYS A 1 7.24 -5.01 -9.99
C LYS A 1 6.23 -4.19 -9.24
N CYS A 2 5.78 -4.68 -8.09
CA CYS A 2 4.79 -3.98 -7.29
C CYS A 2 4.80 -4.49 -5.86
N LEU A 3 4.25 -3.69 -4.97
CA LEU A 3 4.19 -4.02 -3.55
C LEU A 3 3.06 -5.01 -3.29
N ALA A 4 3.33 -6.04 -2.51
CA ALA A 4 2.34 -7.06 -2.21
C ALA A 4 1.35 -6.59 -1.15
N GLU A 5 0.59 -7.54 -0.61
CA GLU A 5 -0.41 -7.26 0.41
C GLU A 5 0.26 -6.90 1.72
N ALA A 6 -0.24 -5.84 2.33
CA ALA A 6 0.27 -5.35 3.60
C ALA A 6 1.72 -4.93 3.47
N ALA A 7 2.04 -4.26 2.38
CA ALA A 7 3.40 -3.82 2.13
C ALA A 7 3.54 -2.31 2.27
N ASP A 8 4.59 -1.86 2.93
CA ASP A 8 4.82 -0.42 3.12
C ASP A 8 4.93 0.30 1.78
N CYS A 9 4.47 1.55 1.75
CA CYS A 9 4.51 2.34 0.52
C CYS A 9 4.75 3.81 0.80
N SER A 10 5.22 4.50 -0.21
CA SER A 10 5.52 5.92 -0.14
C SER A 10 5.50 6.53 -1.54
N PRO A 11 5.05 7.79 -1.64
CA PRO A 11 4.95 8.51 -2.92
C PRO A 11 6.24 8.49 -3.75
N TRP A 12 7.37 8.69 -3.08
CA TRP A 12 8.65 8.67 -3.78
C TRP A 12 9.47 7.45 -3.37
N SER A 13 9.61 7.26 -2.07
CA SER A 13 10.38 6.14 -1.54
C SER A 13 9.50 4.89 -1.44
N GLY A 14 8.86 4.52 -2.53
CA GLY A 14 8.00 3.36 -2.54
C GLY A 14 7.55 2.98 -3.93
N ASP A 15 7.41 1.68 -4.16
CA ASP A 15 6.99 1.19 -5.47
C ASP A 15 5.47 1.26 -5.58
N SER A 16 4.93 0.80 -6.71
CA SER A 16 3.49 0.80 -6.90
C SER A 16 2.91 -0.45 -6.28
N CYS A 17 1.74 -0.32 -5.67
CA CYS A 17 1.08 -1.47 -5.04
C CYS A 17 0.51 -2.41 -6.10
N CYS A 18 0.61 -3.71 -5.86
CA CYS A 18 0.07 -4.69 -6.78
C CYS A 18 -1.44 -4.56 -6.77
N LYS A 19 -2.04 -4.68 -7.94
CA LYS A 19 -3.47 -4.57 -8.03
C LYS A 19 -4.14 -5.86 -7.57
N PRO A 20 -5.33 -5.77 -6.99
CA PRO A 20 -6.03 -4.51 -6.80
C PRO A 20 -5.85 -3.91 -5.40
N TYR A 21 -4.66 -4.01 -4.82
CA TYR A 21 -4.42 -3.45 -3.50
C TYR A 21 -4.13 -1.96 -3.59
N LEU A 22 -4.53 -1.23 -2.56
CA LEU A 22 -4.34 0.21 -2.52
C LEU A 22 -3.45 0.62 -1.34
N CYS A 23 -2.58 1.60 -1.57
CA CYS A 23 -1.70 2.09 -0.52
C CYS A 23 -2.50 2.91 0.48
N SER A 24 -2.77 2.32 1.63
CA SER A 24 -3.54 2.97 2.66
C SER A 24 -2.63 3.58 3.71
N CYS A 25 -2.96 4.76 4.17
CA CYS A 25 -2.15 5.44 5.18
C CYS A 25 -3.07 6.12 6.18
N ILE A 26 -3.84 5.32 6.90
CA ILE A 26 -4.77 5.82 7.90
C ILE A 26 -4.08 6.03 9.24
N PHE A 27 -4.88 6.23 10.28
CA PHE A 27 -4.35 6.48 11.62
C PHE A 27 -3.70 5.24 12.24
N PHE A 28 -4.48 4.16 12.37
CA PHE A 28 -3.98 2.93 12.98
C PHE A 28 -2.98 2.22 12.08
N TYR A 29 -3.21 2.28 10.78
CA TYR A 29 -2.30 1.63 9.83
C TYR A 29 -1.51 2.66 9.05
N PRO A 30 -0.18 2.57 9.10
CA PRO A 30 0.71 3.48 8.38
C PRO A 30 0.67 3.22 6.87
N CYS A 31 1.32 4.09 6.11
CA CYS A 31 1.35 3.97 4.64
C CYS A 31 1.78 2.57 4.22
N SER A 32 0.81 1.77 3.80
CA SER A 32 1.06 0.41 3.36
C SER A 32 -0.10 -0.10 2.50
N CYS A 33 0.25 -0.77 1.41
CA CYS A 33 -0.73 -1.33 0.49
C CYS A 33 -1.52 -2.43 1.19
N ARG A 34 -2.82 -2.30 1.13
CA ARG A 34 -3.75 -3.26 1.72
C ARG A 34 -4.84 -3.54 0.69
N PRO A 35 -5.60 -4.63 0.84
CA PRO A 35 -6.68 -4.96 -0.10
C PRO A 35 -7.61 -3.78 -0.32
N LYS A 36 -8.17 -3.68 -1.52
CA LYS A 36 -9.08 -2.58 -1.82
C LYS A 36 -10.43 -2.86 -1.19
N GLY A 37 -10.79 -2.04 -0.22
CA GLY A 37 -12.05 -2.23 0.49
C GLY A 37 -11.85 -3.15 1.68
N TRP A 38 -10.81 -2.88 2.44
CA TRP A 38 -10.46 -3.67 3.61
C TRP A 38 -11.39 -3.33 4.78
N LYS A 1 8.40 -3.57 -10.10
CA LYS A 1 7.74 -4.61 -9.28
C LYS A 1 6.49 -4.02 -8.67
N CYS A 2 5.96 -4.67 -7.67
CA CYS A 2 4.78 -4.17 -7.00
C CYS A 2 4.79 -4.60 -5.54
N LEU A 3 4.20 -3.77 -4.71
CA LEU A 3 4.12 -4.02 -3.29
C LEU A 3 3.01 -5.01 -2.97
N ALA A 4 3.29 -5.97 -2.12
CA ALA A 4 2.31 -6.99 -1.78
C ALA A 4 1.28 -6.50 -0.77
N GLU A 5 0.50 -7.42 -0.24
CA GLU A 5 -0.54 -7.12 0.73
C GLU A 5 0.06 -6.71 2.05
N ALA A 6 -0.50 -5.64 2.60
CA ALA A 6 -0.05 -5.08 3.88
C ALA A 6 1.39 -4.64 3.81
N ALA A 7 1.75 -3.98 2.70
CA ALA A 7 3.12 -3.52 2.52
C ALA A 7 3.20 -2.00 2.43
N ASP A 8 4.06 -1.41 3.26
CA ASP A 8 4.25 0.05 3.27
C ASP A 8 4.65 0.52 1.87
N CYS A 9 4.01 1.58 1.38
CA CYS A 9 4.31 2.07 0.04
C CYS A 9 5.33 3.19 0.06
N SER A 10 5.79 3.54 -1.13
CA SER A 10 6.78 4.58 -1.29
C SER A 10 6.15 5.97 -1.20
N PRO A 11 6.59 6.78 -0.23
CA PRO A 11 6.06 8.13 -0.01
C PRO A 11 6.39 9.09 -1.14
N TRP A 12 7.64 9.08 -1.59
CA TRP A 12 8.06 9.96 -2.66
C TRP A 12 7.91 9.28 -4.02
N SER A 13 8.50 8.11 -4.17
CA SER A 13 8.44 7.36 -5.42
C SER A 13 9.06 5.98 -5.24
N GLY A 14 8.54 5.02 -5.98
CA GLY A 14 9.03 3.65 -5.91
C GLY A 14 8.09 2.69 -6.60
N ASP A 15 8.09 1.43 -6.17
CA ASP A 15 7.22 0.43 -6.75
C ASP A 15 5.79 0.65 -6.28
N SER A 16 4.86 0.50 -7.20
CA SER A 16 3.45 0.66 -6.90
C SER A 16 2.87 -0.62 -6.31
N CYS A 17 1.79 -0.50 -5.56
CA CYS A 17 1.16 -1.66 -4.95
C CYS A 17 0.62 -2.62 -6.02
N CYS A 18 0.71 -3.92 -5.76
CA CYS A 18 0.21 -4.92 -6.68
C CYS A 18 -1.30 -4.73 -6.80
N LYS A 19 -1.82 -4.97 -7.98
CA LYS A 19 -3.25 -4.80 -8.20
C LYS A 19 -4.01 -5.98 -7.65
N PRO A 20 -5.22 -5.74 -7.11
CA PRO A 20 -5.81 -4.41 -7.08
C PRO A 20 -5.65 -3.71 -5.72
N TYR A 21 -4.60 -4.04 -4.98
CA TYR A 21 -4.36 -3.44 -3.66
C TYR A 21 -4.11 -1.94 -3.77
N LEU A 22 -4.43 -1.23 -2.70
CA LEU A 22 -4.25 0.22 -2.65
C LEU A 22 -3.55 0.61 -1.37
N CYS A 23 -2.64 1.58 -1.44
CA CYS A 23 -1.93 2.05 -0.26
C CYS A 23 -2.84 2.90 0.60
N SER A 24 -3.05 2.47 1.83
CA SER A 24 -3.91 3.19 2.75
C SER A 24 -3.08 3.81 3.87
N CYS A 25 -3.25 5.11 4.07
CA CYS A 25 -2.52 5.83 5.11
C CYS A 25 -3.41 6.07 6.32
N ILE A 26 -3.75 4.99 7.04
CA ILE A 26 -4.59 5.11 8.21
C ILE A 26 -3.79 5.55 9.43
N PHE A 27 -4.45 5.55 10.59
CA PHE A 27 -3.80 5.97 11.82
C PHE A 27 -3.04 4.83 12.51
N PHE A 28 -3.71 3.69 12.64
CA PHE A 28 -3.13 2.52 13.29
C PHE A 28 -1.96 1.95 12.48
N TYR A 29 -1.97 2.21 11.19
CA TYR A 29 -0.91 1.73 10.31
C TYR A 29 -0.56 2.80 9.30
N PRO A 30 0.74 2.99 9.03
CA PRO A 30 1.21 4.00 8.08
C PRO A 30 0.75 3.68 6.65
N CYS A 31 1.22 4.46 5.69
CA CYS A 31 0.86 4.26 4.29
C CYS A 31 1.29 2.87 3.83
N SER A 32 0.36 1.94 3.79
CA SER A 32 0.66 0.59 3.38
C SER A 32 -0.44 0.03 2.49
N CYS A 33 -0.03 -0.68 1.45
CA CYS A 33 -0.96 -1.28 0.51
C CYS A 33 -1.77 -2.35 1.22
N ARG A 34 -3.09 -2.23 1.09
CA ARG A 34 -4.03 -3.16 1.68
C ARG A 34 -5.01 -3.58 0.61
N PRO A 35 -5.78 -4.66 0.83
CA PRO A 35 -6.76 -5.14 -0.15
C PRO A 35 -7.68 -4.02 -0.64
N LYS A 36 -8.21 -4.17 -1.83
CA LYS A 36 -9.09 -3.16 -2.40
C LYS A 36 -10.47 -3.32 -1.76
N GLY A 37 -10.86 -2.31 -0.99
CA GLY A 37 -12.14 -2.37 -0.30
C GLY A 37 -11.98 -3.12 1.00
N TRP A 38 -10.95 -2.74 1.75
CA TRP A 38 -10.65 -3.36 3.04
C TRP A 38 -11.68 -2.96 4.10
N LYS A 1 7.02 -5.24 -11.25
CA LYS A 1 7.41 -4.81 -9.89
C LYS A 1 6.25 -4.14 -9.19
N CYS A 2 5.83 -4.69 -8.06
CA CYS A 2 4.74 -4.12 -7.30
C CYS A 2 4.73 -4.63 -5.87
N LEU A 3 4.19 -3.82 -4.99
CA LEU A 3 4.11 -4.15 -3.58
C LEU A 3 2.95 -5.09 -3.30
N ALA A 4 3.19 -6.13 -2.51
CA ALA A 4 2.16 -7.10 -2.18
C ALA A 4 1.20 -6.57 -1.11
N GLU A 5 0.38 -7.47 -0.58
CA GLU A 5 -0.58 -7.12 0.44
C GLU A 5 0.09 -6.87 1.78
N ALA A 6 -0.33 -5.80 2.42
CA ALA A 6 0.19 -5.35 3.71
C ALA A 6 1.65 -4.98 3.60
N ALA A 7 2.00 -4.25 2.56
CA ALA A 7 3.39 -3.85 2.35
C ALA A 7 3.53 -2.33 2.34
N ASP A 8 4.44 -1.82 3.16
CA ASP A 8 4.70 -0.37 3.25
C ASP A 8 4.98 0.19 1.85
N CYS A 9 4.38 1.33 1.51
CA CYS A 9 4.55 1.88 0.18
C CYS A 9 5.34 3.19 0.17
N SER A 10 5.46 3.76 -1.00
CA SER A 10 6.18 5.01 -1.21
C SER A 10 5.68 5.66 -2.50
N PRO A 11 5.62 7.00 -2.51
CA PRO A 11 5.14 7.76 -3.68
C PRO A 11 6.02 7.56 -4.91
N TRP A 12 7.33 7.59 -4.71
CA TRP A 12 8.28 7.43 -5.81
C TRP A 12 9.42 6.51 -5.40
N SER A 13 9.80 6.58 -4.14
CA SER A 13 10.90 5.78 -3.61
C SER A 13 10.49 4.33 -3.34
N GLY A 14 9.78 3.72 -4.27
CA GLY A 14 9.35 2.35 -4.08
C GLY A 14 8.38 1.88 -5.14
N ASP A 15 8.26 0.57 -5.28
CA ASP A 15 7.35 -0.04 -6.25
C ASP A 15 5.91 0.36 -5.97
N SER A 16 5.10 0.37 -7.01
CA SER A 16 3.69 0.68 -6.86
C SER A 16 2.96 -0.55 -6.33
N CYS A 17 1.90 -0.36 -5.57
CA CYS A 17 1.16 -1.48 -5.01
C CYS A 17 0.56 -2.36 -6.11
N CYS A 18 0.59 -3.67 -5.91
CA CYS A 18 0.03 -4.61 -6.87
C CYS A 18 -1.47 -4.39 -6.95
N LYS A 19 -2.03 -4.54 -8.11
CA LYS A 19 -3.44 -4.33 -8.31
C LYS A 19 -4.23 -5.54 -7.81
N PRO A 20 -5.40 -5.31 -7.19
CA PRO A 20 -5.96 -3.98 -6.99
C PRO A 20 -5.78 -3.43 -5.56
N TYR A 21 -4.64 -3.70 -4.94
CA TYR A 21 -4.40 -3.22 -3.58
C TYR A 21 -4.11 -1.73 -3.58
N LEU A 22 -4.60 -1.06 -2.55
CA LEU A 22 -4.42 0.37 -2.39
C LEU A 22 -3.57 0.67 -1.17
N CYS A 23 -2.66 1.62 -1.28
CA CYS A 23 -1.81 1.96 -0.14
C CYS A 23 -2.60 2.71 0.91
N SER A 24 -2.95 2.00 1.97
CA SER A 24 -3.68 2.56 3.07
C SER A 24 -2.71 3.31 3.97
N CYS A 25 -3.06 4.52 4.35
CA CYS A 25 -2.20 5.32 5.20
C CYS A 25 -3.05 6.13 6.17
N ILE A 26 -3.91 5.42 6.90
CA ILE A 26 -4.79 6.05 7.86
C ILE A 26 -4.10 6.20 9.21
N PHE A 27 -4.88 6.48 10.24
CA PHE A 27 -4.34 6.69 11.59
C PHE A 27 -3.67 5.43 12.16
N PHE A 28 -4.42 4.33 12.20
CA PHE A 28 -3.90 3.08 12.77
C PHE A 28 -3.02 2.33 11.78
N TYR A 29 -3.33 2.46 10.51
CA TYR A 29 -2.58 1.78 9.46
C TYR A 29 -1.62 2.72 8.75
N PRO A 30 -0.31 2.53 8.94
CA PRO A 30 0.71 3.36 8.28
C PRO A 30 0.69 3.11 6.78
N CYS A 31 1.30 4.03 6.01
CA CYS A 31 1.34 3.92 4.55
C CYS A 31 1.78 2.52 4.09
N SER A 32 0.81 1.68 3.75
CA SER A 32 1.09 0.33 3.30
C SER A 32 -0.04 -0.18 2.41
N CYS A 33 0.33 -0.87 1.33
CA CYS A 33 -0.64 -1.42 0.41
C CYS A 33 -1.46 -2.48 1.10
N ARG A 34 -2.76 -2.23 1.14
CA ARG A 34 -3.73 -3.13 1.75
C ARG A 34 -4.76 -3.48 0.70
N PRO A 35 -5.48 -4.60 0.87
CA PRO A 35 -6.51 -5.03 -0.09
C PRO A 35 -7.52 -3.92 -0.36
N LYS A 36 -8.14 -3.96 -1.52
CA LYS A 36 -9.12 -2.94 -1.87
C LYS A 36 -10.42 -3.23 -1.14
N GLY A 37 -10.71 -2.39 -0.15
CA GLY A 37 -11.89 -2.59 0.67
C GLY A 37 -11.55 -3.39 1.91
N TRP A 38 -10.46 -3.00 2.55
CA TRP A 38 -9.99 -3.67 3.76
C TRP A 38 -10.83 -3.28 4.96
N LYS A 1 7.39 -6.09 -10.69
CA LYS A 1 7.30 -6.13 -9.21
C LYS A 1 6.33 -5.06 -8.72
N CYS A 2 5.71 -5.32 -7.58
CA CYS A 2 4.73 -4.41 -7.00
C CYS A 2 4.56 -4.74 -5.53
N LEU A 3 4.09 -3.78 -4.77
CA LEU A 3 3.88 -3.95 -3.34
C LEU A 3 2.59 -4.72 -3.09
N ALA A 4 2.70 -5.88 -2.45
CA ALA A 4 1.52 -6.70 -2.19
C ALA A 4 0.73 -6.18 -1.00
N GLU A 5 -0.14 -7.02 -0.46
CA GLU A 5 -0.95 -6.62 0.68
C GLU A 5 -0.11 -6.54 1.94
N ALA A 6 -0.33 -5.46 2.66
CA ALA A 6 0.39 -5.14 3.90
C ALA A 6 1.84 -4.82 3.59
N ALA A 7 2.07 -4.14 2.48
CA ALA A 7 3.42 -3.77 2.08
C ALA A 7 3.66 -2.27 2.28
N ASP A 8 4.75 -1.94 2.98
CA ASP A 8 5.10 -0.54 3.25
C ASP A 8 5.29 0.24 1.95
N CYS A 9 4.69 1.43 1.88
CA CYS A 9 4.81 2.27 0.70
C CYS A 9 5.97 3.25 0.85
N SER A 10 6.52 3.65 -0.28
CA SER A 10 7.62 4.60 -0.29
C SER A 10 7.08 6.01 -0.10
N PRO A 11 7.67 6.76 0.85
CA PRO A 11 7.24 8.13 1.17
C PRO A 11 7.32 9.11 0.00
N TRP A 12 8.50 9.25 -0.58
CA TRP A 12 8.69 10.18 -1.69
C TRP A 12 8.25 9.54 -3.01
N SER A 13 8.76 8.35 -3.27
CA SER A 13 8.45 7.62 -4.50
C SER A 13 9.08 6.24 -4.45
N GLY A 14 8.45 5.27 -5.10
CA GLY A 14 8.97 3.92 -5.11
C GLY A 14 8.16 3.01 -5.99
N ASP A 15 8.01 1.77 -5.58
CA ASP A 15 7.25 0.79 -6.35
C ASP A 15 5.76 0.96 -6.15
N SER A 16 4.99 0.47 -7.10
CA SER A 16 3.55 0.56 -7.05
C SER A 16 2.94 -0.70 -6.42
N CYS A 17 1.80 -0.53 -5.78
CA CYS A 17 1.11 -1.64 -5.14
C CYS A 17 0.51 -2.57 -6.19
N CYS A 18 0.52 -3.87 -5.93
CA CYS A 18 -0.03 -4.85 -6.83
C CYS A 18 -1.53 -4.63 -6.95
N LYS A 19 -2.08 -4.93 -8.10
CA LYS A 19 -3.50 -4.74 -8.33
C LYS A 19 -4.29 -5.89 -7.69
N PRO A 20 -5.42 -5.57 -7.04
CA PRO A 20 -5.94 -4.22 -6.90
C PRO A 20 -5.73 -3.62 -5.51
N TYR A 21 -4.60 -3.90 -4.88
CA TYR A 21 -4.31 -3.37 -3.55
C TYR A 21 -4.03 -1.88 -3.62
N LEU A 22 -4.50 -1.16 -2.61
CA LEU A 22 -4.33 0.28 -2.54
C LEU A 22 -3.48 0.67 -1.34
N CYS A 23 -2.60 1.64 -1.51
CA CYS A 23 -1.76 2.11 -0.42
C CYS A 23 -2.58 2.94 0.54
N SER A 24 -2.70 2.45 1.77
CA SER A 24 -3.46 3.14 2.78
C SER A 24 -2.51 3.72 3.81
N CYS A 25 -2.85 4.89 4.33
CA CYS A 25 -2.01 5.54 5.33
C CYS A 25 -2.90 6.24 6.33
N ILE A 26 -3.77 5.47 6.96
CA ILE A 26 -4.71 5.99 7.95
C ILE A 26 -4.07 6.10 9.33
N PHE A 27 -4.91 6.22 10.35
CA PHE A 27 -4.45 6.35 11.73
C PHE A 27 -3.78 5.08 12.25
N PHE A 28 -4.54 4.00 12.32
CA PHE A 28 -4.02 2.72 12.83
C PHE A 28 -3.06 2.07 11.85
N TYR A 29 -3.41 2.11 10.58
CA TYR A 29 -2.57 1.51 9.55
C TYR A 29 -1.66 2.56 8.92
N PRO A 30 -0.34 2.36 9.00
CA PRO A 30 0.63 3.28 8.41
C PRO A 30 0.65 3.15 6.89
N CYS A 31 1.39 4.03 6.22
CA CYS A 31 1.49 4.01 4.76
C CYS A 31 1.89 2.63 4.25
N SER A 32 0.92 1.86 3.80
CA SER A 32 1.17 0.51 3.31
C SER A 32 0.03 0.05 2.42
N CYS A 33 0.36 -0.70 1.38
CA CYS A 33 -0.63 -1.23 0.46
C CYS A 33 -1.44 -2.29 1.17
N ARG A 34 -2.76 -2.19 1.05
CA ARG A 34 -3.68 -3.12 1.67
C ARG A 34 -4.73 -3.52 0.65
N PRO A 35 -5.45 -4.63 0.86
CA PRO A 35 -6.48 -5.09 -0.06
C PRO A 35 -7.47 -3.98 -0.42
N LYS A 36 -8.08 -4.08 -1.59
CA LYS A 36 -9.03 -3.08 -2.02
C LYS A 36 -10.36 -3.31 -1.31
N GLY A 37 -10.60 -2.48 -0.31
CA GLY A 37 -11.81 -2.62 0.48
C GLY A 37 -11.52 -3.40 1.74
N TRP A 38 -10.43 -3.02 2.40
CA TRP A 38 -9.98 -3.68 3.62
C TRP A 38 -10.92 -3.35 4.79
N LYS A 1 7.44 -4.91 -11.25
CA LYS A 1 7.54 -5.01 -9.78
C LYS A 1 6.39 -4.26 -9.12
N CYS A 2 5.93 -4.75 -7.98
CA CYS A 2 4.84 -4.12 -7.27
C CYS A 2 4.83 -4.55 -5.82
N LEU A 3 4.26 -3.72 -4.98
CA LEU A 3 4.20 -3.98 -3.55
C LEU A 3 3.06 -4.94 -3.23
N ALA A 4 3.34 -5.95 -2.42
CA ALA A 4 2.32 -6.92 -2.05
C ALA A 4 1.40 -6.36 -0.97
N GLU A 5 0.43 -7.15 -0.54
CA GLU A 5 -0.50 -6.72 0.47
C GLU A 5 0.19 -6.61 1.82
N ALA A 6 -0.20 -5.58 2.55
CA ALA A 6 0.35 -5.26 3.86
C ALA A 6 1.80 -4.86 3.73
N ALA A 7 2.08 -4.00 2.75
CA ALA A 7 3.45 -3.54 2.54
C ALA A 7 3.49 -2.03 2.38
N ASP A 8 4.29 -1.37 3.22
CA ASP A 8 4.42 0.08 3.19
C ASP A 8 4.84 0.57 1.80
N CYS A 9 4.15 1.56 1.28
CA CYS A 9 4.46 2.08 -0.04
C CYS A 9 5.44 3.23 0.01
N SER A 10 5.94 3.60 -1.16
CA SER A 10 6.88 4.69 -1.29
C SER A 10 6.15 6.03 -1.29
N PRO A 11 6.54 6.95 -0.39
CA PRO A 11 5.90 8.26 -0.26
C PRO A 11 6.15 9.18 -1.46
N TRP A 12 7.41 9.35 -1.84
CA TRP A 12 7.76 10.21 -2.96
C TRP A 12 7.58 9.50 -4.29
N SER A 13 8.18 8.33 -4.41
CA SER A 13 8.10 7.54 -5.64
C SER A 13 8.77 6.19 -5.44
N GLY A 14 8.25 5.18 -6.13
CA GLY A 14 8.79 3.85 -6.03
C GLY A 14 7.88 2.84 -6.71
N ASP A 15 7.91 1.60 -6.23
CA ASP A 15 7.06 0.56 -6.80
C ASP A 15 5.61 0.79 -6.40
N SER A 16 4.72 0.52 -7.32
CA SER A 16 3.31 0.67 -7.09
C SER A 16 2.75 -0.59 -6.45
N CYS A 17 1.66 -0.47 -5.72
CA CYS A 17 1.04 -1.61 -5.06
C CYS A 17 0.46 -2.57 -6.11
N CYS A 18 0.63 -3.87 -5.89
CA CYS A 18 0.11 -4.87 -6.79
C CYS A 18 -1.41 -4.77 -6.85
N LYS A 19 -1.96 -5.08 -8.00
CA LYS A 19 -3.39 -5.02 -8.18
C LYS A 19 -4.05 -6.25 -7.56
N PRO A 20 -5.24 -6.08 -6.98
CA PRO A 20 -5.93 -4.80 -6.94
C PRO A 20 -5.81 -4.08 -5.59
N TYR A 21 -4.68 -4.22 -4.92
CA TYR A 21 -4.48 -3.58 -3.62
C TYR A 21 -4.28 -2.06 -3.76
N LEU A 22 -4.20 -1.38 -2.63
CA LEU A 22 -4.04 0.07 -2.62
C LEU A 22 -3.33 0.50 -1.34
N CYS A 23 -2.46 1.50 -1.44
CA CYS A 23 -1.73 1.98 -0.28
C CYS A 23 -2.64 2.82 0.61
N SER A 24 -2.93 2.29 1.77
CA SER A 24 -3.78 2.97 2.73
C SER A 24 -2.89 3.58 3.82
N CYS A 25 -3.20 4.80 4.22
CA CYS A 25 -2.40 5.47 5.23
C CYS A 25 -3.31 6.03 6.32
N ILE A 26 -3.87 5.13 7.11
CA ILE A 26 -4.77 5.51 8.19
C ILE A 26 -3.98 5.74 9.49
N PHE A 27 -4.71 5.86 10.59
CA PHE A 27 -4.11 6.11 11.89
C PHE A 27 -3.44 4.87 12.47
N PHE A 28 -4.19 3.77 12.55
CA PHE A 28 -3.70 2.51 13.10
C PHE A 28 -2.66 1.85 12.21
N TYR A 29 -2.73 2.13 10.91
CA TYR A 29 -1.80 1.55 9.97
C TYR A 29 -1.17 2.63 9.10
N PRO A 30 0.17 2.64 9.01
CA PRO A 30 0.90 3.63 8.19
C PRO A 30 0.66 3.41 6.70
N CYS A 31 1.27 4.26 5.87
CA CYS A 31 1.12 4.17 4.43
C CYS A 31 1.58 2.80 3.93
N SER A 32 0.62 1.89 3.77
CA SER A 32 0.92 0.54 3.33
C SER A 32 -0.18 0.00 2.43
N CYS A 33 0.20 -0.74 1.41
CA CYS A 33 -0.75 -1.32 0.49
C CYS A 33 -1.49 -2.43 1.20
N ARG A 34 -2.81 -2.36 1.12
CA ARG A 34 -3.71 -3.31 1.72
C ARG A 34 -4.81 -3.58 0.71
N PRO A 35 -5.60 -4.65 0.89
CA PRO A 35 -6.68 -4.98 -0.04
C PRO A 35 -7.57 -3.76 -0.29
N LYS A 36 -8.02 -3.59 -1.53
CA LYS A 36 -8.85 -2.45 -1.86
C LYS A 36 -10.27 -2.70 -1.39
N GLY A 37 -10.76 -1.78 -0.58
CA GLY A 37 -12.10 -1.92 -0.02
C GLY A 37 -12.06 -2.77 1.24
N TRP A 38 -11.06 -2.50 2.07
CA TRP A 38 -10.86 -3.24 3.31
C TRP A 38 -11.83 -2.71 4.39
N LYS A 1 8.46 -2.27 -10.06
CA LYS A 1 7.83 -3.39 -9.32
C LYS A 1 6.49 -2.95 -8.76
N CYS A 2 6.05 -3.63 -7.74
CA CYS A 2 4.81 -3.28 -7.09
C CYS A 2 4.77 -3.86 -5.69
N LEU A 3 4.04 -3.16 -4.84
CA LEU A 3 3.90 -3.55 -3.45
C LEU A 3 2.75 -4.55 -3.27
N ALA A 4 3.07 -5.72 -2.74
CA ALA A 4 2.07 -6.77 -2.56
C ALA A 4 1.20 -6.52 -1.33
N GLU A 5 0.53 -7.58 -0.87
CA GLU A 5 -0.35 -7.51 0.27
C GLU A 5 0.41 -7.17 1.55
N ALA A 6 -0.06 -6.13 2.22
CA ALA A 6 0.54 -5.65 3.47
C ALA A 6 1.96 -5.18 3.25
N ALA A 7 2.18 -4.42 2.19
CA ALA A 7 3.52 -3.91 1.90
C ALA A 7 3.58 -2.40 2.10
N ASP A 8 4.41 -1.95 3.03
CA ASP A 8 4.55 -0.53 3.34
C ASP A 8 4.92 0.27 2.10
N CYS A 9 4.21 1.36 1.89
CA CYS A 9 4.42 2.22 0.75
C CYS A 9 5.56 3.21 1.00
N SER A 10 6.17 3.68 -0.08
CA SER A 10 7.25 4.63 0.01
C SER A 10 6.69 6.04 0.24
N PRO A 11 7.22 6.76 1.25
CA PRO A 11 6.76 8.10 1.60
C PRO A 11 6.97 9.15 0.49
N TRP A 12 8.22 9.28 0.03
CA TRP A 12 8.52 10.26 -1.00
C TRP A 12 8.16 9.74 -2.38
N SER A 13 8.64 8.55 -2.70
CA SER A 13 8.38 7.93 -4.00
C SER A 13 8.93 6.51 -4.04
N GLY A 14 8.27 5.64 -4.81
CA GLY A 14 8.71 4.26 -4.92
C GLY A 14 7.80 3.47 -5.83
N ASP A 15 7.70 2.17 -5.59
CA ASP A 15 6.85 1.31 -6.39
C ASP A 15 5.39 1.44 -5.97
N SER A 16 4.52 1.29 -6.94
CA SER A 16 3.08 1.36 -6.71
C SER A 16 2.56 0.02 -6.22
N CYS A 17 1.43 0.03 -5.53
CA CYS A 17 0.85 -1.21 -5.02
C CYS A 17 0.41 -2.13 -6.17
N CYS A 18 0.63 -3.42 -6.00
CA CYS A 18 0.22 -4.40 -7.00
C CYS A 18 -1.29 -4.37 -7.13
N LYS A 19 -1.77 -4.64 -8.32
CA LYS A 19 -3.20 -4.64 -8.55
C LYS A 19 -3.82 -5.93 -8.03
N PRO A 20 -5.02 -5.84 -7.44
CA PRO A 20 -5.74 -4.59 -7.29
C PRO A 20 -5.71 -4.02 -5.86
N TYR A 21 -4.55 -4.08 -5.20
CA TYR A 21 -4.43 -3.57 -3.83
C TYR A 21 -4.46 -2.04 -3.81
N LEU A 22 -4.37 -1.48 -2.61
CA LEU A 22 -4.40 -0.05 -2.41
C LEU A 22 -3.61 0.31 -1.15
N CYS A 23 -2.84 1.38 -1.21
CA CYS A 23 -2.05 1.80 -0.08
C CYS A 23 -2.93 2.41 1.02
N SER A 24 -3.02 1.71 2.14
CA SER A 24 -3.79 2.20 3.26
C SER A 24 -2.94 3.14 4.08
N CYS A 25 -3.25 4.42 3.99
CA CYS A 25 -2.47 5.44 4.68
C CYS A 25 -3.37 6.18 5.67
N ILE A 26 -3.94 5.45 6.61
CA ILE A 26 -4.82 6.06 7.61
C ILE A 26 -4.04 6.50 8.84
N PHE A 27 -4.76 6.90 9.88
CA PHE A 27 -4.16 7.39 11.11
C PHE A 27 -3.39 6.33 11.90
N PHE A 28 -4.12 5.52 12.67
CA PHE A 28 -3.48 4.50 13.52
C PHE A 28 -3.08 3.23 12.77
N TYR A 29 -2.63 3.38 11.54
CA TYR A 29 -2.16 2.25 10.75
C TYR A 29 -1.06 2.68 9.80
N PRO A 30 0.05 1.92 9.75
CA PRO A 30 1.17 2.23 8.88
C PRO A 30 0.76 2.19 7.42
N CYS A 31 1.12 3.23 6.68
CA CYS A 31 0.77 3.32 5.28
C CYS A 31 1.39 2.18 4.48
N SER A 32 0.56 1.19 4.20
CA SER A 32 1.00 0.03 3.47
C SER A 32 -0.12 -0.48 2.57
N CYS A 33 0.24 -1.06 1.43
CA CYS A 33 -0.75 -1.58 0.51
C CYS A 33 -1.46 -2.77 1.12
N ARG A 34 -2.78 -2.70 1.09
CA ARG A 34 -3.66 -3.73 1.60
C ARG A 34 -4.71 -3.99 0.54
N PRO A 35 -5.50 -5.07 0.65
CA PRO A 35 -6.55 -5.36 -0.35
C PRO A 35 -7.47 -4.16 -0.51
N LYS A 36 -8.05 -4.00 -1.69
CA LYS A 36 -8.91 -2.86 -1.94
C LYS A 36 -10.27 -3.09 -1.31
N GLY A 37 -10.62 -2.22 -0.38
CA GLY A 37 -11.88 -2.33 0.33
C GLY A 37 -11.69 -2.93 1.71
N TRP A 38 -10.71 -2.41 2.44
CA TRP A 38 -10.42 -2.89 3.78
C TRP A 38 -11.14 -2.03 4.81
N LYS A 1 7.19 -5.12 -11.12
CA LYS A 1 7.45 -4.96 -9.67
C LYS A 1 6.33 -4.17 -9.03
N CYS A 2 5.88 -4.62 -7.86
CA CYS A 2 4.82 -3.95 -7.14
C CYS A 2 4.81 -4.41 -5.69
N LEU A 3 4.22 -3.61 -4.84
CA LEU A 3 4.13 -3.88 -3.42
C LEU A 3 3.01 -4.88 -3.14
N ALA A 4 3.29 -5.89 -2.34
CA ALA A 4 2.30 -6.91 -2.03
C ALA A 4 1.29 -6.44 -0.99
N GLU A 5 0.51 -7.38 -0.47
CA GLU A 5 -0.49 -7.08 0.53
C GLU A 5 0.15 -6.78 1.88
N ALA A 6 -0.32 -5.70 2.48
CA ALA A 6 0.19 -5.21 3.76
C ALA A 6 1.65 -4.81 3.64
N ALA A 7 1.99 -4.21 2.51
CA ALA A 7 3.37 -3.77 2.28
C ALA A 7 3.46 -2.26 2.34
N ASP A 8 4.45 -1.74 3.05
CA ASP A 8 4.63 -0.30 3.18
C ASP A 8 4.82 0.36 1.82
N CYS A 9 4.30 1.58 1.70
CA CYS A 9 4.40 2.34 0.45
C CYS A 9 4.89 3.75 0.72
N SER A 10 5.70 4.24 -0.18
CA SER A 10 6.26 5.57 -0.07
C SER A 10 5.23 6.61 -0.52
N PRO A 11 4.99 7.63 0.33
CA PRO A 11 4.01 8.70 0.05
C PRO A 11 4.41 9.63 -1.10
N TRP A 12 5.68 10.02 -1.14
CA TRP A 12 6.15 10.93 -2.17
C TRP A 12 6.40 10.20 -3.49
N SER A 13 7.04 9.04 -3.39
CA SER A 13 7.35 8.25 -4.58
C SER A 13 7.99 6.93 -4.18
N GLY A 14 7.59 5.87 -4.85
CA GLY A 14 8.14 4.55 -4.57
C GLY A 14 7.58 3.51 -5.51
N ASP A 15 7.43 2.29 -5.01
CA ASP A 15 6.89 1.20 -5.82
C ASP A 15 5.37 1.27 -5.84
N SER A 16 4.79 0.78 -6.91
CA SER A 16 3.34 0.77 -7.03
C SER A 16 2.78 -0.47 -6.36
N CYS A 17 1.64 -0.34 -5.74
CA CYS A 17 1.01 -1.48 -5.07
C CYS A 17 0.48 -2.46 -6.10
N CYS A 18 0.62 -3.75 -5.83
CA CYS A 18 0.11 -4.78 -6.73
C CYS A 18 -1.39 -4.66 -6.79
N LYS A 19 -1.95 -4.88 -7.95
CA LYS A 19 -3.39 -4.79 -8.11
C LYS A 19 -4.05 -6.06 -7.58
N PRO A 20 -5.23 -5.93 -6.97
CA PRO A 20 -5.93 -4.66 -6.81
C PRO A 20 -5.78 -4.06 -5.41
N TYR A 21 -4.57 -4.06 -4.86
CA TYR A 21 -4.34 -3.49 -3.53
C TYR A 21 -4.04 -2.00 -3.64
N LEU A 22 -4.46 -1.26 -2.62
CA LEU A 22 -4.28 0.18 -2.58
C LEU A 22 -3.48 0.59 -1.33
N CYS A 23 -2.63 1.59 -1.48
CA CYS A 23 -1.82 2.08 -0.37
C CYS A 23 -2.72 2.75 0.67
N SER A 24 -2.79 2.15 1.85
CA SER A 24 -3.61 2.67 2.92
C SER A 24 -2.77 3.51 3.87
N CYS A 25 -3.19 4.73 4.12
CA CYS A 25 -2.47 5.64 5.01
C CYS A 25 -3.37 6.09 6.15
N ILE A 26 -3.87 5.14 6.92
CA ILE A 26 -4.73 5.46 8.05
C ILE A 26 -3.92 5.80 9.29
N PHE A 27 -4.61 6.00 10.40
CA PHE A 27 -3.95 6.35 11.67
C PHE A 27 -3.40 5.12 12.36
N PHE A 28 -4.23 4.09 12.47
CA PHE A 28 -3.85 2.85 13.13
C PHE A 28 -2.72 2.13 12.40
N TYR A 29 -2.61 2.39 11.11
CA TYR A 29 -1.56 1.78 10.29
C TYR A 29 -1.03 2.77 9.28
N PRO A 30 0.31 2.92 9.22
CA PRO A 30 0.95 3.83 8.27
C PRO A 30 0.75 3.41 6.83
N CYS A 31 1.20 4.26 5.91
CA CYS A 31 1.06 3.99 4.47
C CYS A 31 1.55 2.59 4.12
N SER A 32 0.61 1.73 3.80
CA SER A 32 0.89 0.36 3.42
C SER A 32 -0.20 -0.17 2.50
N CYS A 33 0.19 -0.78 1.39
CA CYS A 33 -0.76 -1.32 0.43
C CYS A 33 -1.52 -2.46 1.07
N ARG A 34 -2.84 -2.37 0.98
CA ARG A 34 -3.75 -3.37 1.52
C ARG A 34 -4.86 -3.60 0.51
N PRO A 35 -5.62 -4.71 0.62
CA PRO A 35 -6.70 -5.01 -0.31
C PRO A 35 -7.62 -3.81 -0.51
N LYS A 36 -8.12 -3.63 -1.71
CA LYS A 36 -8.99 -2.50 -1.99
C LYS A 36 -10.38 -2.78 -1.43
N GLY A 37 -10.81 -1.92 -0.52
CA GLY A 37 -12.10 -2.11 0.10
C GLY A 37 -11.99 -3.04 1.30
N TRP A 38 -10.96 -2.80 2.10
CA TRP A 38 -10.71 -3.61 3.28
C TRP A 38 -11.62 -3.19 4.43
N LYS A 1 8.52 -1.43 -9.40
CA LYS A 1 7.92 -2.73 -8.99
C LYS A 1 6.61 -2.47 -8.27
N CYS A 2 5.87 -3.50 -7.89
CA CYS A 2 4.63 -3.28 -7.19
C CYS A 2 4.74 -3.81 -5.77
N LEU A 3 3.88 -3.27 -4.92
CA LEU A 3 3.84 -3.63 -3.51
C LEU A 3 2.73 -4.64 -3.23
N ALA A 4 3.06 -5.72 -2.54
CA ALA A 4 2.07 -6.75 -2.24
C ALA A 4 1.15 -6.33 -1.09
N GLU A 5 0.42 -7.29 -0.56
CA GLU A 5 -0.50 -7.04 0.54
C GLU A 5 0.25 -6.76 1.83
N ALA A 6 -0.15 -5.69 2.49
CA ALA A 6 0.47 -5.24 3.73
C ALA A 6 1.89 -4.79 3.49
N ALA A 7 2.12 -4.14 2.36
CA ALA A 7 3.46 -3.66 2.03
C ALA A 7 3.58 -2.16 2.20
N ASP A 8 4.59 -1.72 2.97
CA ASP A 8 4.84 -0.31 3.23
C ASP A 8 4.90 0.47 1.91
N CYS A 9 4.27 1.64 1.89
CA CYS A 9 4.28 2.46 0.68
C CYS A 9 4.67 3.89 0.95
N SER A 10 5.42 4.44 0.02
CA SER A 10 5.89 5.80 0.10
C SER A 10 4.78 6.77 -0.30
N PRO A 11 4.54 7.80 0.52
CA PRO A 11 3.49 8.80 0.29
C PRO A 11 3.78 9.74 -0.89
N TRP A 12 5.01 10.21 -0.99
CA TRP A 12 5.38 11.15 -2.05
C TRP A 12 5.62 10.42 -3.37
N SER A 13 6.35 9.32 -3.32
CA SER A 13 6.66 8.55 -4.53
C SER A 13 7.41 7.28 -4.20
N GLY A 14 7.12 6.21 -4.94
CA GLY A 14 7.77 4.94 -4.74
C GLY A 14 7.12 3.87 -5.59
N ASP A 15 7.21 2.63 -5.16
CA ASP A 15 6.60 1.52 -5.89
C ASP A 15 5.09 1.60 -5.80
N SER A 16 4.43 1.19 -6.87
CA SER A 16 2.98 1.19 -6.92
C SER A 16 2.46 -0.11 -6.33
N CYS A 17 1.33 -0.07 -5.67
CA CYS A 17 0.77 -1.28 -5.07
C CYS A 17 0.29 -2.25 -6.16
N CYS A 18 0.54 -3.54 -5.94
CA CYS A 18 0.11 -4.57 -6.86
C CYS A 18 -1.40 -4.59 -6.92
N LYS A 19 -1.94 -4.96 -8.05
CA LYS A 19 -3.37 -5.01 -8.23
C LYS A 19 -3.92 -6.30 -7.60
N PRO A 20 -5.10 -6.21 -6.97
CA PRO A 20 -5.88 -4.99 -6.87
C PRO A 20 -5.79 -4.30 -5.51
N TYR A 21 -4.62 -4.27 -4.89
CA TYR A 21 -4.46 -3.64 -3.58
C TYR A 21 -4.40 -2.12 -3.71
N LEU A 22 -4.18 -1.44 -2.59
CA LEU A 22 -4.12 0.02 -2.57
C LEU A 22 -3.38 0.50 -1.33
N CYS A 23 -2.55 1.53 -1.50
CA CYS A 23 -1.78 2.07 -0.40
C CYS A 23 -2.67 2.80 0.59
N SER A 24 -2.79 2.24 1.79
CA SER A 24 -3.60 2.86 2.82
C SER A 24 -2.71 3.64 3.77
N CYS A 25 -2.80 4.95 3.69
CA CYS A 25 -1.99 5.84 4.52
C CYS A 25 -2.84 6.42 5.65
N ILE A 26 -3.41 5.54 6.47
CA ILE A 26 -4.26 5.97 7.57
C ILE A 26 -3.44 6.15 8.85
N PHE A 27 -4.13 6.46 9.95
CA PHE A 27 -3.46 6.69 11.24
C PHE A 27 -3.25 5.39 12.02
N PHE A 28 -4.33 4.67 12.27
CA PHE A 28 -4.28 3.43 13.05
C PHE A 28 -3.41 2.38 12.38
N TYR A 29 -3.40 2.39 11.06
CA TYR A 29 -2.59 1.43 10.31
C TYR A 29 -1.51 2.18 9.53
N PRO A 30 -0.25 1.74 9.65
CA PRO A 30 0.87 2.36 8.94
C PRO A 30 0.64 2.37 7.44
N CYS A 31 1.06 3.45 6.79
CA CYS A 31 0.88 3.61 5.35
C CYS A 31 1.47 2.43 4.58
N SER A 32 0.60 1.53 4.18
CA SER A 32 1.01 0.35 3.46
C SER A 32 -0.12 -0.14 2.57
N CYS A 33 0.23 -0.77 1.45
CA CYS A 33 -0.77 -1.28 0.53
C CYS A 33 -1.50 -2.44 1.18
N ARG A 34 -2.81 -2.34 1.15
CA ARG A 34 -3.71 -3.34 1.71
C ARG A 34 -4.77 -3.62 0.66
N PRO A 35 -5.53 -4.73 0.79
CA PRO A 35 -6.59 -5.06 -0.15
C PRO A 35 -7.51 -3.86 -0.39
N LYS A 36 -7.98 -3.69 -1.60
CA LYS A 36 -8.85 -2.55 -1.89
C LYS A 36 -10.25 -2.85 -1.37
N GLY A 37 -10.67 -2.06 -0.39
CA GLY A 37 -11.97 -2.27 0.22
C GLY A 37 -11.82 -3.15 1.45
N TRP A 38 -10.81 -2.85 2.25
CA TRP A 38 -10.52 -3.59 3.47
C TRP A 38 -11.46 -3.18 4.59
N LYS A 1 8.31 -4.05 -10.22
CA LYS A 1 7.77 -4.93 -9.16
C LYS A 1 6.54 -4.28 -8.55
N CYS A 2 5.94 -4.92 -7.57
CA CYS A 2 4.78 -4.37 -6.92
C CYS A 2 4.75 -4.81 -5.47
N LEU A 3 4.18 -3.96 -4.65
CA LEU A 3 4.09 -4.20 -3.22
C LEU A 3 2.94 -5.15 -2.91
N ALA A 4 3.18 -6.10 -2.01
CA ALA A 4 2.17 -7.07 -1.65
C ALA A 4 1.14 -6.50 -0.67
N GLU A 5 0.36 -7.38 -0.08
CA GLU A 5 -0.67 -7.00 0.86
C GLU A 5 -0.06 -6.55 2.18
N ALA A 6 -0.57 -5.42 2.68
CA ALA A 6 -0.10 -4.82 3.92
C ALA A 6 1.36 -4.42 3.80
N ALA A 7 1.70 -3.78 2.69
CA ALA A 7 3.09 -3.36 2.47
C ALA A 7 3.19 -1.86 2.26
N ASP A 8 3.98 -1.20 3.11
CA ASP A 8 4.17 0.25 3.03
C ASP A 8 4.68 0.68 1.67
N CYS A 9 4.04 1.68 1.08
CA CYS A 9 4.42 2.18 -0.23
C CYS A 9 5.35 3.39 -0.11
N SER A 10 5.65 3.98 -1.26
CA SER A 10 6.52 5.14 -1.31
C SER A 10 6.30 5.88 -2.63
N PRO A 11 6.27 7.22 -2.58
CA PRO A 11 6.04 8.06 -3.76
C PRO A 11 7.11 7.89 -4.84
N TRP A 12 8.35 7.61 -4.42
CA TRP A 12 9.44 7.44 -5.38
C TRP A 12 10.32 6.25 -5.00
N SER A 13 10.77 6.21 -3.76
CA SER A 13 11.63 5.14 -3.28
C SER A 13 10.84 3.87 -2.94
N GLY A 14 10.02 3.42 -3.88
CA GLY A 14 9.23 2.23 -3.64
C GLY A 14 8.33 1.89 -4.81
N ASP A 15 8.21 0.61 -5.09
CA ASP A 15 7.37 0.12 -6.19
C ASP A 15 5.90 0.37 -5.89
N SER A 16 5.08 0.28 -6.92
CA SER A 16 3.64 0.49 -6.78
C SER A 16 2.99 -0.77 -6.21
N CYS A 17 1.87 -0.61 -5.54
CA CYS A 17 1.17 -1.73 -4.94
C CYS A 17 0.65 -2.71 -6.00
N CYS A 18 0.70 -4.00 -5.71
CA CYS A 18 0.20 -5.01 -6.62
C CYS A 18 -1.29 -4.82 -6.77
N LYS A 19 -1.81 -5.06 -7.95
CA LYS A 19 -3.23 -4.87 -8.19
C LYS A 19 -4.03 -6.03 -7.62
N PRO A 20 -5.21 -5.72 -7.08
CA PRO A 20 -5.75 -4.36 -7.05
C PRO A 20 -5.63 -3.67 -5.68
N TYR A 21 -4.54 -3.93 -4.95
CA TYR A 21 -4.33 -3.33 -3.63
C TYR A 21 -4.11 -1.83 -3.74
N LEU A 22 -4.52 -1.11 -2.71
CA LEU A 22 -4.40 0.33 -2.67
C LEU A 22 -3.63 0.76 -1.42
N CYS A 23 -2.68 1.68 -1.59
CA CYS A 23 -1.91 2.18 -0.47
C CYS A 23 -2.78 3.14 0.35
N SER A 24 -2.94 2.81 1.62
CA SER A 24 -3.74 3.62 2.51
C SER A 24 -2.95 4.00 3.74
N CYS A 25 -2.94 5.29 4.06
CA CYS A 25 -2.20 5.80 5.21
C CYS A 25 -3.15 6.09 6.36
N ILE A 26 -3.59 5.04 7.04
CA ILE A 26 -4.51 5.19 8.16
C ILE A 26 -3.74 5.47 9.45
N PHE A 27 -4.45 5.41 10.58
CA PHE A 27 -3.84 5.68 11.87
C PHE A 27 -3.15 4.47 12.47
N PHE A 28 -3.86 3.35 12.49
CA PHE A 28 -3.35 2.10 13.05
C PHE A 28 -2.20 1.54 12.20
N TYR A 29 -2.20 1.89 10.92
CA TYR A 29 -1.17 1.44 10.00
C TYR A 29 -0.76 2.59 9.12
N PRO A 30 0.54 2.77 8.85
CA PRO A 30 1.04 3.85 8.00
C PRO A 30 0.60 3.68 6.55
N CYS A 31 1.33 4.34 5.64
CA CYS A 31 1.02 4.26 4.21
C CYS A 31 1.30 2.88 3.65
N SER A 32 0.39 1.95 3.92
CA SER A 32 0.57 0.59 3.47
C SER A 32 -0.48 0.17 2.45
N CYS A 33 -0.04 -0.60 1.46
CA CYS A 33 -0.94 -1.12 0.44
C CYS A 33 -1.77 -2.20 1.10
N ARG A 34 -3.07 -1.99 1.12
CA ARG A 34 -4.01 -2.92 1.72
C ARG A 34 -4.99 -3.35 0.65
N PRO A 35 -5.71 -4.47 0.86
CA PRO A 35 -6.68 -4.96 -0.12
C PRO A 35 -7.66 -3.88 -0.55
N LYS A 36 -8.18 -3.99 -1.76
CA LYS A 36 -9.12 -3.01 -2.27
C LYS A 36 -10.47 -3.27 -1.64
N GLY A 37 -10.85 -2.39 -0.73
CA GLY A 37 -12.11 -2.56 -0.01
C GLY A 37 -11.87 -3.35 1.25
N TRP A 38 -10.84 -2.95 1.98
CA TRP A 38 -10.44 -3.61 3.23
C TRP A 38 -11.49 -3.38 4.32
N LYS A 1 8.95 -2.53 -9.06
CA LYS A 1 7.97 -3.65 -8.91
C LYS A 1 6.73 -3.14 -8.22
N CYS A 2 5.84 -4.03 -7.82
CA CYS A 2 4.65 -3.61 -7.11
C CYS A 2 4.61 -4.19 -5.72
N LEU A 3 3.99 -3.46 -4.84
CA LEU A 3 3.85 -3.85 -3.44
C LEU A 3 2.67 -4.77 -3.25
N ALA A 4 2.90 -5.92 -2.62
CA ALA A 4 1.83 -6.89 -2.39
C ALA A 4 0.95 -6.48 -1.22
N GLU A 5 0.18 -7.45 -0.72
CA GLU A 5 -0.71 -7.20 0.40
C GLU A 5 0.07 -7.01 1.70
N ALA A 6 -0.28 -5.94 2.39
CA ALA A 6 0.34 -5.54 3.65
C ALA A 6 1.80 -5.16 3.42
N ALA A 7 2.05 -4.47 2.32
CA ALA A 7 3.42 -4.05 2.01
C ALA A 7 3.57 -2.56 2.24
N ASP A 8 4.59 -2.16 3.00
CA ASP A 8 4.84 -0.75 3.30
C ASP A 8 5.05 0.06 2.02
N CYS A 9 4.47 1.25 1.99
CA CYS A 9 4.59 2.12 0.83
C CYS A 9 5.68 3.14 1.03
N SER A 10 6.29 3.57 -0.07
CA SER A 10 7.34 4.56 -0.02
C SER A 10 6.74 5.96 0.13
N PRO A 11 7.22 6.73 1.12
CA PRO A 11 6.71 8.08 1.40
C PRO A 11 6.95 9.08 0.27
N TRP A 12 8.20 9.22 -0.15
CA TRP A 12 8.54 10.16 -1.22
C TRP A 12 8.23 9.57 -2.58
N SER A 13 8.77 8.37 -2.83
CA SER A 13 8.57 7.70 -4.11
C SER A 13 9.21 6.31 -4.05
N GLY A 14 8.64 5.37 -4.79
CA GLY A 14 9.16 4.02 -4.82
C GLY A 14 8.27 3.08 -5.59
N ASP A 15 8.14 1.86 -5.11
CA ASP A 15 7.31 0.85 -5.75
C ASP A 15 5.84 1.17 -5.54
N SER A 16 5.04 0.87 -6.54
CA SER A 16 3.60 1.11 -6.48
C SER A 16 2.88 -0.17 -6.05
N CYS A 17 1.75 -0.02 -5.39
CA CYS A 17 1.00 -1.18 -4.93
C CYS A 17 0.49 -2.03 -6.10
N CYS A 18 0.49 -3.35 -5.92
CA CYS A 18 -0.01 -4.27 -6.93
C CYS A 18 -1.51 -4.07 -7.03
N LYS A 19 -2.02 -4.17 -8.24
CA LYS A 19 -3.44 -4.00 -8.45
C LYS A 19 -4.20 -5.26 -8.06
N PRO A 20 -5.38 -5.12 -7.45
CA PRO A 20 -6.00 -3.83 -7.17
C PRO A 20 -5.88 -3.38 -5.70
N TYR A 21 -4.76 -3.68 -5.07
CA TYR A 21 -4.55 -3.29 -3.67
C TYR A 21 -4.39 -1.78 -3.54
N LEU A 22 -4.80 -1.26 -2.40
CA LEU A 22 -4.73 0.17 -2.13
C LEU A 22 -3.85 0.45 -0.93
N CYS A 23 -2.97 1.43 -1.05
CA CYS A 23 -2.08 1.80 0.04
C CYS A 23 -2.83 2.59 1.11
N SER A 24 -2.97 1.99 2.28
CA SER A 24 -3.62 2.66 3.38
C SER A 24 -2.61 3.52 4.09
N CYS A 25 -2.66 4.81 3.83
CA CYS A 25 -1.72 5.75 4.42
C CYS A 25 -2.46 6.63 5.42
N ILE A 26 -3.12 5.97 6.37
CA ILE A 26 -3.89 6.67 7.39
C ILE A 26 -3.22 6.55 8.76
N PHE A 27 -3.94 6.99 9.79
CA PHE A 27 -3.43 6.95 11.15
C PHE A 27 -3.50 5.56 11.77
N PHE A 28 -4.70 5.00 11.80
CA PHE A 28 -4.92 3.67 12.39
C PHE A 28 -4.20 2.60 11.61
N TYR A 29 -4.10 2.78 10.31
CA TYR A 29 -3.43 1.82 9.45
C TYR A 29 -2.19 2.46 8.83
N PRO A 30 -1.00 1.98 9.23
CA PRO A 30 0.27 2.49 8.71
C PRO A 30 0.33 2.41 7.19
N CYS A 31 0.91 3.44 6.56
CA CYS A 31 1.02 3.52 5.11
C CYS A 31 1.59 2.25 4.48
N SER A 32 0.69 1.39 4.04
CA SER A 32 1.06 0.14 3.42
C SER A 32 -0.08 -0.36 2.54
N CYS A 33 0.26 -1.00 1.43
CA CYS A 33 -0.74 -1.52 0.52
C CYS A 33 -1.50 -2.64 1.17
N ARG A 34 -2.81 -2.49 1.19
CA ARG A 34 -3.71 -3.48 1.76
C ARG A 34 -4.69 -3.88 0.67
N PRO A 35 -5.45 -4.97 0.84
CA PRO A 35 -6.41 -5.40 -0.17
C PRO A 35 -7.41 -4.30 -0.49
N LYS A 36 -8.14 -4.46 -1.58
CA LYS A 36 -9.12 -3.47 -1.98
C LYS A 36 -10.36 -3.61 -1.12
N GLY A 37 -10.21 -3.17 0.11
CA GLY A 37 -11.25 -3.24 1.10
C GLY A 37 -10.65 -3.58 2.45
N TRP A 38 -9.60 -2.84 2.80
CA TRP A 38 -8.88 -3.06 4.05
C TRP A 38 -9.76 -2.73 5.26
N LYS A 1 7.67 -5.59 -10.29
CA LYS A 1 7.81 -5.28 -8.84
C LYS A 1 6.60 -4.53 -8.35
N CYS A 2 6.05 -4.96 -7.22
CA CYS A 2 4.90 -4.29 -6.64
C CYS A 2 4.74 -4.67 -5.18
N LEU A 3 4.12 -3.78 -4.44
CA LEU A 3 3.88 -3.98 -3.02
C LEU A 3 2.67 -4.88 -2.81
N ALA A 4 2.84 -5.92 -2.01
CA ALA A 4 1.75 -6.86 -1.75
C ALA A 4 0.77 -6.30 -0.73
N GLU A 5 -0.10 -7.16 -0.22
CA GLU A 5 -1.08 -6.74 0.76
C GLU A 5 -0.42 -6.48 2.10
N ALA A 6 -0.75 -5.33 2.67
CA ALA A 6 -0.21 -4.85 3.94
C ALA A 6 1.25 -4.49 3.78
N ALA A 7 1.61 -3.97 2.61
CA ALA A 7 2.99 -3.58 2.35
C ALA A 7 3.15 -2.07 2.41
N ASP A 8 4.09 -1.61 3.21
CA ASP A 8 4.34 -0.18 3.38
C ASP A 8 4.66 0.49 2.03
N CYS A 9 4.00 1.62 1.78
CA CYS A 9 4.21 2.36 0.55
C CYS A 9 4.78 3.73 0.84
N SER A 10 5.75 4.11 0.04
CA SER A 10 6.40 5.40 0.18
C SER A 10 5.54 6.50 -0.44
N PRO A 11 5.29 7.57 0.33
CA PRO A 11 4.46 8.71 -0.11
C PRO A 11 5.08 9.54 -1.21
N TRP A 12 6.38 9.79 -1.11
CA TRP A 12 7.07 10.61 -2.11
C TRP A 12 7.36 9.81 -3.36
N SER A 13 7.82 8.58 -3.19
CA SER A 13 8.14 7.70 -4.32
C SER A 13 8.58 6.34 -3.82
N GLY A 14 8.11 5.29 -4.50
CA GLY A 14 8.48 3.94 -4.12
C GLY A 14 7.92 2.94 -5.12
N ASP A 15 7.69 1.71 -4.67
CA ASP A 15 7.13 0.69 -5.55
C ASP A 15 5.63 0.83 -5.61
N SER A 16 5.05 0.41 -6.71
CA SER A 16 3.60 0.48 -6.87
C SER A 16 2.95 -0.73 -6.23
N CYS A 17 1.77 -0.53 -5.66
CA CYS A 17 1.06 -1.62 -5.01
C CYS A 17 0.52 -2.59 -6.06
N CYS A 18 0.64 -3.89 -5.78
CA CYS A 18 0.14 -4.93 -6.68
C CYS A 18 -1.35 -4.76 -6.81
N LYS A 19 -1.89 -5.08 -7.97
CA LYS A 19 -3.31 -4.93 -8.18
C LYS A 19 -4.04 -6.15 -7.64
N PRO A 20 -5.26 -5.95 -7.15
CA PRO A 20 -5.91 -4.65 -7.13
C PRO A 20 -5.79 -3.92 -5.79
N TYR A 21 -4.68 -4.13 -5.08
CA TYR A 21 -4.48 -3.48 -3.78
C TYR A 21 -4.24 -1.98 -3.95
N LEU A 22 -4.51 -1.23 -2.88
CA LEU A 22 -4.37 0.20 -2.89
C LEU A 22 -3.60 0.70 -1.67
N CYS A 23 -2.74 1.69 -1.87
CA CYS A 23 -1.95 2.26 -0.78
C CYS A 23 -2.87 3.09 0.13
N SER A 24 -2.87 2.77 1.40
CA SER A 24 -3.71 3.48 2.36
C SER A 24 -2.89 3.88 3.58
N CYS A 25 -3.03 5.11 4.02
CA CYS A 25 -2.28 5.61 5.16
C CYS A 25 -3.26 6.02 6.26
N ILE A 26 -3.63 5.06 7.08
CA ILE A 26 -4.56 5.30 8.17
C ILE A 26 -3.83 5.67 9.46
N PHE A 27 -4.57 5.69 10.56
CA PHE A 27 -4.02 6.05 11.87
C PHE A 27 -3.16 4.95 12.49
N PHE A 28 -3.78 3.82 12.79
CA PHE A 28 -3.07 2.71 13.43
C PHE A 28 -2.02 2.10 12.49
N TYR A 29 -2.38 1.99 11.23
CA TYR A 29 -1.46 1.45 10.23
C TYR A 29 -0.93 2.57 9.36
N PRO A 30 0.40 2.64 9.19
CA PRO A 30 1.01 3.69 8.36
C PRO A 30 0.67 3.51 6.88
N CYS A 31 1.36 4.23 6.02
CA CYS A 31 1.13 4.14 4.60
C CYS A 31 1.43 2.73 4.12
N SER A 32 0.39 1.96 3.86
CA SER A 32 0.56 0.59 3.43
C SER A 32 -0.50 0.17 2.43
N CYS A 33 -0.10 -0.54 1.40
CA CYS A 33 -1.02 -1.03 0.41
C CYS A 33 -1.80 -2.16 1.02
N ARG A 34 -3.11 -1.99 1.07
CA ARG A 34 -4.01 -2.99 1.63
C ARG A 34 -4.98 -3.38 0.54
N PRO A 35 -5.74 -4.48 0.73
CA PRO A 35 -6.71 -4.94 -0.27
C PRO A 35 -7.61 -3.82 -0.80
N LYS A 36 -8.28 -4.08 -1.92
CA LYS A 36 -9.15 -3.07 -2.52
C LYS A 36 -10.45 -3.01 -1.74
N GLY A 37 -10.35 -2.42 -0.56
CA GLY A 37 -11.46 -2.28 0.34
C GLY A 37 -11.16 -2.90 1.69
N TRP A 38 -9.85 -3.00 1.99
CA TRP A 38 -9.35 -3.58 3.24
C TRP A 38 -9.53 -5.10 3.26
N LYS A 1 7.08 -6.05 -10.35
CA LYS A 1 7.65 -5.21 -9.26
C LYS A 1 6.55 -4.33 -8.69
N CYS A 2 5.99 -4.75 -7.56
CA CYS A 2 4.91 -4.02 -6.91
C CYS A 2 4.78 -4.44 -5.46
N LEU A 3 4.17 -3.58 -4.66
CA LEU A 3 3.97 -3.85 -3.26
C LEU A 3 2.77 -4.78 -3.04
N ALA A 4 3.02 -5.92 -2.43
CA ALA A 4 1.97 -6.90 -2.19
C ALA A 4 1.09 -6.55 -0.99
N GLU A 5 0.49 -7.57 -0.42
CA GLU A 5 -0.40 -7.44 0.74
C GLU A 5 0.37 -6.96 1.96
N ALA A 6 -0.14 -5.91 2.59
CA ALA A 6 0.46 -5.32 3.77
C ALA A 6 1.87 -4.85 3.48
N ALA A 7 2.06 -4.22 2.34
CA ALA A 7 3.40 -3.76 1.96
C ALA A 7 3.57 -2.26 2.20
N ASP A 8 4.64 -1.89 2.88
CA ASP A 8 4.91 -0.48 3.16
C ASP A 8 5.13 0.29 1.86
N CYS A 9 4.50 1.45 1.76
CA CYS A 9 4.61 2.27 0.57
C CYS A 9 5.74 3.27 0.71
N SER A 10 6.31 3.67 -0.41
CA SER A 10 7.38 4.64 -0.42
C SER A 10 6.83 6.04 -0.25
N PRO A 11 7.41 6.83 0.66
CA PRO A 11 6.97 8.20 0.95
C PRO A 11 7.08 9.16 -0.23
N TRP A 12 8.26 9.26 -0.81
CA TRP A 12 8.47 10.17 -1.95
C TRP A 12 8.17 9.46 -3.26
N SER A 13 8.88 8.37 -3.53
CA SER A 13 8.71 7.61 -4.76
C SER A 13 9.29 6.21 -4.58
N GLY A 14 8.67 5.23 -5.22
CA GLY A 14 9.15 3.86 -5.12
C GLY A 14 8.23 2.89 -5.83
N ASP A 15 8.11 1.69 -5.27
CA ASP A 15 7.26 0.66 -5.84
C ASP A 15 5.79 1.01 -5.68
N SER A 16 5.00 0.57 -6.64
CA SER A 16 3.57 0.80 -6.61
C SER A 16 2.87 -0.46 -6.11
N CYS A 17 1.73 -0.31 -5.47
CA CYS A 17 0.99 -1.45 -4.94
C CYS A 17 0.53 -2.37 -6.06
N CYS A 18 0.58 -3.68 -5.81
CA CYS A 18 0.11 -4.66 -6.77
C CYS A 18 -1.38 -4.52 -6.90
N LYS A 19 -1.90 -4.72 -8.08
CA LYS A 19 -3.32 -4.60 -8.31
C LYS A 19 -4.04 -5.85 -7.82
N PRO A 20 -5.22 -5.68 -7.23
CA PRO A 20 -5.87 -4.39 -7.04
C PRO A 20 -5.77 -3.83 -5.61
N TYR A 21 -4.58 -3.90 -5.01
CA TYR A 21 -4.39 -3.37 -3.66
C TYR A 21 -4.18 -1.87 -3.69
N LEU A 22 -4.63 -1.21 -2.64
CA LEU A 22 -4.50 0.23 -2.53
C LEU A 22 -3.67 0.57 -1.29
N CYS A 23 -2.79 1.56 -1.40
CA CYS A 23 -1.96 1.94 -0.27
C CYS A 23 -2.80 2.65 0.78
N SER A 24 -3.05 1.94 1.87
CA SER A 24 -3.82 2.50 2.96
C SER A 24 -2.89 3.22 3.92
N CYS A 25 -3.24 4.44 4.28
CA CYS A 25 -2.43 5.23 5.19
C CYS A 25 -3.32 5.90 6.21
N ILE A 26 -3.99 5.09 7.02
CA ILE A 26 -4.88 5.60 8.04
C ILE A 26 -4.12 6.04 9.29
N PHE A 27 -4.86 6.29 10.36
CA PHE A 27 -4.28 6.74 11.62
C PHE A 27 -3.39 5.70 12.29
N PHE A 28 -3.98 4.56 12.63
CA PHE A 28 -3.25 3.50 13.32
C PHE A 28 -2.29 2.76 12.39
N TYR A 29 -2.70 2.58 11.15
CA TYR A 29 -1.85 1.87 10.19
C TYR A 29 -1.19 2.85 9.22
N PRO A 30 0.14 2.81 9.13
CA PRO A 30 0.90 3.69 8.24
C PRO A 30 0.70 3.31 6.78
N CYS A 31 1.24 4.14 5.89
CA CYS A 31 1.12 3.92 4.44
C CYS A 31 1.58 2.51 4.06
N SER A 32 0.61 1.65 3.77
CA SER A 32 0.90 0.27 3.39
C SER A 32 -0.21 -0.27 2.50
N CYS A 33 0.18 -0.95 1.42
CA CYS A 33 -0.77 -1.52 0.50
C CYS A 33 -1.57 -2.61 1.16
N ARG A 34 -2.88 -2.48 1.00
CA ARG A 34 -3.87 -3.41 1.53
C ARG A 34 -4.94 -3.61 0.46
N PRO A 35 -5.75 -4.67 0.55
CA PRO A 35 -6.79 -4.93 -0.44
C PRO A 35 -7.69 -3.71 -0.66
N LYS A 36 -8.19 -3.55 -1.87
CA LYS A 36 -9.05 -2.42 -2.17
C LYS A 36 -10.45 -2.68 -1.62
N GLY A 37 -10.68 -2.19 -0.42
CA GLY A 37 -11.94 -2.40 0.25
C GLY A 37 -11.77 -3.29 1.45
N TRP A 38 -10.71 -3.02 2.21
CA TRP A 38 -10.38 -3.78 3.39
C TRP A 38 -11.31 -3.42 4.55
N LYS A 1 9.40 -3.66 -7.83
CA LYS A 1 8.40 -4.72 -7.62
C LYS A 1 7.13 -4.12 -7.01
N CYS A 2 5.98 -4.68 -7.29
CA CYS A 2 4.77 -4.14 -6.73
C CYS A 2 4.61 -4.55 -5.28
N LEU A 3 4.02 -3.65 -4.52
CA LEU A 3 3.80 -3.85 -3.10
C LEU A 3 2.55 -4.68 -2.84
N ALA A 4 2.68 -5.75 -2.06
CA ALA A 4 1.56 -6.63 -1.78
C ALA A 4 0.64 -6.02 -0.73
N GLU A 5 -0.30 -6.82 -0.24
CA GLU A 5 -1.23 -6.36 0.77
C GLU A 5 -0.56 -6.26 2.13
N ALA A 6 -0.80 -5.14 2.78
CA ALA A 6 -0.23 -4.80 4.07
C ALA A 6 1.26 -4.56 3.94
N ALA A 7 1.65 -4.00 2.80
CA ALA A 7 3.05 -3.69 2.55
C ALA A 7 3.26 -2.19 2.54
N ASP A 8 4.30 -1.72 3.22
CA ASP A 8 4.59 -0.29 3.29
C ASP A 8 4.75 0.33 1.89
N CYS A 9 4.36 1.58 1.76
CA CYS A 9 4.47 2.28 0.49
C CYS A 9 4.96 3.69 0.67
N SER A 10 5.67 4.17 -0.34
CA SER A 10 6.23 5.51 -0.32
C SER A 10 5.16 6.54 -0.66
N PRO A 11 5.00 7.54 0.21
CA PRO A 11 3.99 8.60 0.03
C PRO A 11 4.33 9.57 -1.11
N TRP A 12 5.61 9.96 -1.19
CA TRP A 12 6.04 10.90 -2.22
C TRP A 12 6.22 10.20 -3.56
N SER A 13 6.89 9.06 -3.55
CA SER A 13 7.13 8.31 -4.77
C SER A 13 7.85 6.99 -4.46
N GLY A 14 7.45 5.94 -5.17
CA GLY A 14 8.05 4.63 -4.99
C GLY A 14 7.40 3.60 -5.87
N ASP A 15 7.57 2.33 -5.53
CA ASP A 15 6.97 1.24 -6.30
C ASP A 15 5.46 1.22 -6.11
N SER A 16 4.76 0.79 -7.14
CA SER A 16 3.32 0.73 -7.12
C SER A 16 2.84 -0.56 -6.45
N CYS A 17 1.68 -0.50 -5.81
CA CYS A 17 1.12 -1.65 -5.14
C CYS A 17 0.55 -2.65 -6.15
N CYS A 18 0.67 -3.93 -5.86
CA CYS A 18 0.15 -4.98 -6.72
C CYS A 18 -1.35 -4.83 -6.85
N LYS A 19 -1.86 -5.18 -8.00
CA LYS A 19 -3.29 -5.08 -8.23
C LYS A 19 -4.00 -6.29 -7.61
N PRO A 20 -5.19 -6.06 -7.05
CA PRO A 20 -5.86 -4.78 -7.03
C PRO A 20 -5.79 -4.07 -5.66
N TYR A 21 -4.63 -4.09 -5.02
CA TYR A 21 -4.49 -3.44 -3.71
C TYR A 21 -4.47 -1.92 -3.85
N LEU A 22 -4.03 -1.22 -2.80
CA LEU A 22 -4.00 0.24 -2.80
C LEU A 22 -3.20 0.79 -1.63
N CYS A 23 -2.31 1.74 -1.90
CA CYS A 23 -1.52 2.36 -0.84
C CYS A 23 -2.43 3.22 0.02
N SER A 24 -2.37 3.01 1.33
CA SER A 24 -3.21 3.76 2.24
C SER A 24 -2.45 4.08 3.52
N CYS A 25 -2.52 5.33 3.94
CA CYS A 25 -1.84 5.77 5.14
C CYS A 25 -2.86 6.13 6.22
N ILE A 26 -3.41 5.10 6.85
CA ILE A 26 -4.42 5.31 7.90
C ILE A 26 -3.77 5.47 9.28
N PHE A 27 -4.60 5.44 10.31
CA PHE A 27 -4.14 5.61 11.68
C PHE A 27 -3.64 4.29 12.27
N PHE A 28 -4.45 3.25 12.15
CA PHE A 28 -4.12 1.93 12.69
C PHE A 28 -2.87 1.36 12.02
N TYR A 29 -2.67 1.75 10.78
CA TYR A 29 -1.52 1.29 10.01
C TYR A 29 -0.97 2.45 9.19
N PRO A 30 0.35 2.64 9.19
CA PRO A 30 0.99 3.73 8.43
C PRO A 30 0.80 3.55 6.92
N CYS A 31 1.56 4.31 6.14
CA CYS A 31 1.46 4.24 4.70
C CYS A 31 1.76 2.82 4.22
N SER A 32 0.72 2.09 3.86
CA SER A 32 0.86 0.71 3.42
C SER A 32 -0.24 0.33 2.44
N CYS A 33 0.11 -0.43 1.43
CA CYS A 33 -0.86 -0.89 0.47
C CYS A 33 -1.66 -1.99 1.11
N ARG A 34 -2.97 -1.81 1.16
CA ARG A 34 -3.85 -2.78 1.77
C ARG A 34 -4.82 -3.27 0.70
N PRO A 35 -5.47 -4.42 0.92
CA PRO A 35 -6.42 -4.98 -0.04
C PRO A 35 -7.49 -3.96 -0.44
N LYS A 36 -8.10 -4.15 -1.58
CA LYS A 36 -9.13 -3.23 -2.04
C LYS A 36 -10.42 -3.51 -1.28
N GLY A 37 -10.83 -2.56 -0.46
CA GLY A 37 -12.02 -2.75 0.35
C GLY A 37 -11.67 -3.53 1.60
N TRP A 38 -10.61 -3.10 2.27
CA TRP A 38 -10.13 -3.74 3.48
C TRP A 38 -11.11 -3.52 4.64
N LYS A 1 7.13 -6.11 -10.73
CA LYS A 1 7.37 -5.89 -9.28
C LYS A 1 6.32 -4.96 -8.73
N CYS A 2 5.77 -5.30 -7.57
CA CYS A 2 4.73 -4.50 -6.94
C CYS A 2 4.65 -4.85 -5.47
N LEU A 3 4.07 -3.93 -4.70
CA LEU A 3 3.93 -4.09 -3.26
C LEU A 3 2.74 -5.00 -2.95
N ALA A 4 2.94 -5.97 -2.07
CA ALA A 4 1.88 -6.90 -1.71
C ALA A 4 0.91 -6.28 -0.71
N GLU A 5 0.08 -7.13 -0.13
CA GLU A 5 -0.90 -6.69 0.86
C GLU A 5 -0.25 -6.31 2.17
N ALA A 6 -0.64 -5.14 2.67
CA ALA A 6 -0.10 -4.58 3.90
C ALA A 6 1.39 -4.28 3.75
N ALA A 7 1.77 -3.83 2.57
CA ALA A 7 3.18 -3.51 2.30
C ALA A 7 3.42 -2.01 2.38
N ASP A 8 4.50 -1.60 3.01
CA ASP A 8 4.83 -0.18 3.15
C ASP A 8 4.91 0.51 1.78
N CYS A 9 4.43 1.74 1.72
CA CYS A 9 4.45 2.50 0.48
C CYS A 9 4.49 4.00 0.74
N SER A 10 4.68 4.75 -0.33
CA SER A 10 4.73 6.21 -0.26
C SER A 10 4.36 6.79 -1.63
N PRO A 11 3.35 7.66 -1.66
CA PRO A 11 2.85 8.28 -2.92
C PRO A 11 3.89 9.17 -3.59
N TRP A 12 4.77 9.76 -2.79
CA TRP A 12 5.79 10.65 -3.33
C TRP A 12 6.94 9.85 -3.93
N SER A 13 7.06 8.59 -3.54
CA SER A 13 8.11 7.72 -4.06
C SER A 13 7.97 6.32 -3.48
N GLY A 14 7.92 5.32 -4.36
CA GLY A 14 7.79 3.96 -3.92
C GLY A 14 7.26 3.07 -5.01
N ASP A 15 7.40 1.76 -4.82
CA ASP A 15 6.91 0.78 -5.80
C ASP A 15 5.40 0.83 -5.90
N SER A 16 4.89 0.36 -7.02
CA SER A 16 3.45 0.33 -7.23
C SER A 16 2.85 -0.85 -6.50
N CYS A 17 1.69 -0.67 -5.92
CA CYS A 17 1.02 -1.73 -5.19
C CYS A 17 0.44 -2.74 -6.17
N CYS A 18 0.51 -4.02 -5.81
CA CYS A 18 -0.04 -5.08 -6.65
C CYS A 18 -1.54 -4.90 -6.72
N LYS A 19 -2.11 -5.23 -7.85
CA LYS A 19 -3.54 -5.09 -8.03
C LYS A 19 -4.28 -6.23 -7.35
N PRO A 20 -5.44 -5.93 -6.73
CA PRO A 20 -6.02 -4.60 -6.69
C PRO A 20 -5.83 -3.88 -5.35
N TYR A 21 -4.68 -4.05 -4.72
CA TYR A 21 -4.40 -3.39 -3.44
C TYR A 21 -4.25 -1.89 -3.63
N LEU A 22 -4.42 -1.14 -2.54
CA LEU A 22 -4.33 0.31 -2.60
C LEU A 22 -3.45 0.88 -1.49
N CYS A 23 -2.52 1.74 -1.87
CA CYS A 23 -1.64 2.40 -0.90
C CYS A 23 -2.44 3.40 -0.07
N SER A 24 -2.39 3.26 1.23
CA SER A 24 -3.13 4.13 2.12
C SER A 24 -2.40 4.32 3.44
N CYS A 25 -2.52 5.52 4.00
CA CYS A 25 -1.87 5.85 5.25
C CYS A 25 -2.94 6.06 6.32
N ILE A 26 -3.65 5.00 6.65
CA ILE A 26 -4.72 5.06 7.64
C ILE A 26 -4.20 4.97 9.07
N PHE A 27 -5.11 4.82 10.02
CA PHE A 27 -4.78 4.76 11.44
C PHE A 27 -4.34 3.35 11.86
N PHE A 28 -5.17 2.36 11.50
CA PHE A 28 -4.90 0.97 11.86
C PHE A 28 -3.57 0.51 11.27
N TYR A 29 -3.24 1.05 10.11
CA TYR A 29 -2.00 0.74 9.42
C TYR A 29 -1.47 2.01 8.78
N PRO A 30 -0.16 2.30 8.91
CA PRO A 30 0.45 3.49 8.33
C PRO A 30 0.45 3.43 6.80
N CYS A 31 1.31 4.23 6.18
CA CYS A 31 1.41 4.27 4.72
C CYS A 31 1.78 2.89 4.19
N SER A 32 0.77 2.15 3.74
CA SER A 32 0.98 0.80 3.24
C SER A 32 -0.12 0.39 2.26
N CYS A 33 0.26 -0.37 1.24
CA CYS A 33 -0.70 -0.88 0.29
C CYS A 33 -1.53 -1.90 1.00
N ARG A 34 -2.78 -1.55 1.24
CA ARG A 34 -3.71 -2.41 1.94
C ARG A 34 -4.62 -3.06 0.92
N PRO A 35 -5.40 -4.09 1.31
CA PRO A 35 -6.31 -4.76 0.38
C PRO A 35 -7.34 -3.79 -0.18
N LYS A 36 -8.04 -4.21 -1.23
CA LYS A 36 -9.04 -3.35 -1.84
C LYS A 36 -10.31 -3.37 -1.00
N GLY A 37 -10.22 -2.67 0.11
CA GLY A 37 -11.30 -2.60 1.08
C GLY A 37 -10.74 -2.63 2.48
N TRP A 38 -9.73 -1.79 2.69
CA TRP A 38 -9.04 -1.69 3.96
C TRP A 38 -9.84 -0.90 4.98
#